data_3KAT
# 
_entry.id   3KAT 
# 
_audit_conform.dict_name       mmcif_pdbx.dic 
_audit_conform.dict_version    5.399 
_audit_conform.dict_location   http://mmcif.pdb.org/dictionaries/ascii/mmcif_pdbx.dic 
# 
loop_
_database_2.database_id 
_database_2.database_code 
_database_2.pdbx_database_accession 
_database_2.pdbx_DOI 
PDB   3KAT         pdb_00003kat 10.2210/pdb3kat/pdb 
RCSB  RCSB055761   ?            ?                   
WWPDB D_1000055761 ?            ?                   
# 
loop_
_pdbx_audit_revision_history.ordinal 
_pdbx_audit_revision_history.data_content_type 
_pdbx_audit_revision_history.major_revision 
_pdbx_audit_revision_history.minor_revision 
_pdbx_audit_revision_history.revision_date 
1 'Structure model' 1 0 2009-10-27 
2 'Structure model' 1 1 2011-07-13 
3 'Structure model' 1 2 2017-10-25 
4 'Structure model' 1 3 2019-07-17 
5 'Structure model' 1 4 2024-11-20 
# 
_pdbx_audit_revision_details.ordinal             1 
_pdbx_audit_revision_details.revision_ordinal    1 
_pdbx_audit_revision_details.data_content_type   'Structure model' 
_pdbx_audit_revision_details.provider            repository 
_pdbx_audit_revision_details.type                'Initial release' 
_pdbx_audit_revision_details.description         ? 
_pdbx_audit_revision_details.details             ? 
# 
loop_
_pdbx_audit_revision_group.ordinal 
_pdbx_audit_revision_group.revision_ordinal 
_pdbx_audit_revision_group.data_content_type 
_pdbx_audit_revision_group.group 
1 2 'Structure model' 'Version format compliance'  
2 3 'Structure model' 'Author supporting evidence' 
3 4 'Structure model' 'Data collection'            
4 4 'Structure model' 'Derived calculations'       
5 4 'Structure model' 'Refinement description'     
6 5 'Structure model' 'Data collection'            
7 5 'Structure model' 'Database references'        
8 5 'Structure model' 'Structure summary'          
# 
loop_
_pdbx_audit_revision_category.ordinal 
_pdbx_audit_revision_category.revision_ordinal 
_pdbx_audit_revision_category.data_content_type 
_pdbx_audit_revision_category.category 
1 3 'Structure model' pdbx_struct_assembly_auth_evidence 
2 4 'Structure model' software                           
3 4 'Structure model' struct_conn                        
4 5 'Structure model' chem_comp_atom                     
5 5 'Structure model' chem_comp_bond                     
6 5 'Structure model' database_2                         
7 5 'Structure model' pdbx_entry_details                 
8 5 'Structure model' pdbx_modification_feature          
# 
loop_
_pdbx_audit_revision_item.ordinal 
_pdbx_audit_revision_item.revision_ordinal 
_pdbx_audit_revision_item.data_content_type 
_pdbx_audit_revision_item.item 
1  4 'Structure model' '_software.contact_author'            
2  4 'Structure model' '_software.contact_author_email'      
3  4 'Structure model' '_software.language'                  
4  4 'Structure model' '_software.location'                  
5  4 'Structure model' '_software.name'                      
6  4 'Structure model' '_software.type'                      
7  4 'Structure model' '_software.version'                   
8  4 'Structure model' '_struct_conn.pdbx_leaving_atom_flag' 
9  5 'Structure model' '_database_2.pdbx_DOI'                
10 5 'Structure model' '_database_2.pdbx_database_accession' 
# 
_pdbx_database_status.entry_id                        3KAT 
_pdbx_database_status.deposit_site                    RCSB 
_pdbx_database_status.process_site                    RCSB 
_pdbx_database_status.recvd_initial_deposition_date   2009-10-19 
_pdbx_database_status.status_code                     REL 
_pdbx_database_status.status_code_sf                  REL 
_pdbx_database_status.status_code_mr                  ? 
_pdbx_database_status.SG_entry                        Y 
_pdbx_database_status.pdb_format_compatible           Y 
_pdbx_database_status.status_code_cs                  ? 
_pdbx_database_status.methods_development_category    ? 
_pdbx_database_status.status_code_nmr_data            ? 
# 
_pdbx_database_related.db_name        TargetDB 
_pdbx_database_related.db_id          HR3486E 
_pdbx_database_related.details        . 
_pdbx_database_related.content_type   unspecified 
# 
loop_
_audit_author.name 
_audit_author.pdbx_ordinal 
'Forouhar, F.'                                    1  
'Abashidze, M.'                                   2  
'Seetharaman, J.'                                 3  
'Mao, M.'                                         4  
'Xiao, R.'                                        5  
'Ciccosanti, C.'                                  6  
'Shastry, R.'                                     7  
'Everett, J.K.'                                   8  
'Nair, R.'                                        9  
'Acton, T.B.'                                     10 
'Rost, B.'                                        11 
'Montelione, G.T.'                                12 
'Tong, L.'                                        13 
'Hunt, J.F.'                                      14 
'Northeast Structural Genomics Consortium (NESG)' 15 
# 
_citation.id                        primary 
_citation.title                     'Northeast Structural Genomics Consortium Target HR3486E' 
_citation.journal_abbrev            'To be Published' 
_citation.journal_volume            ? 
_citation.page_first                ? 
_citation.page_last                 ? 
_citation.year                      ? 
_citation.journal_id_ASTM           ? 
_citation.country                   ? 
_citation.journal_id_ISSN           ? 
_citation.journal_id_CSD            0353 
_citation.book_publisher            ? 
_citation.pdbx_database_id_PubMed   ? 
_citation.pdbx_database_id_DOI      ? 
# 
loop_
_citation_author.citation_id 
_citation_author.name 
_citation_author.ordinal 
_citation_author.identifier_ORCID 
primary 'Forouhar, F.'     1  ? 
primary 'Abashidze, M.'    2  ? 
primary 'Seetharaman, J.'  3  ? 
primary 'Mao, M.'          4  ? 
primary 'Xiao, R.'         5  ? 
primary 'Ciccosanti, C.'   6  ? 
primary 'Shastry, R.'      7  ? 
primary 'Everett, J.K.'    8  ? 
primary 'Nair, R.'         9  ? 
primary 'Acton, T.B.'      10 ? 
primary 'Rost, B.'         11 ? 
primary 'Montelione, G.T.' 12 ? 
primary 'Tong, L.'         13 ? 
primary 'Hunt, J.F.'       14 ? 
# 
_entity.id                         1 
_entity.type                       polymer 
_entity.src_method                 man 
_entity.pdbx_description           'NACHT, LRR and PYD domains-containing protein 1' 
_entity.formula_weight             12733.026 
_entity.pdbx_number_of_molecules   1 
_entity.pdbx_ec                    ? 
_entity.pdbx_mutation              ? 
_entity.pdbx_fragment              'CARD domain' 
_entity.details                    ? 
# 
_entity_name_com.entity_id   1 
_entity_name_com.name        
;Death effector filament-forming ced-4-like apoptosis protein, Nucleotide-binding domain and caspase recruitment domain, Caspase recruitment domain-containing protein 7
;
# 
_entity_poly.entity_id                      1 
_entity_poly.type                           'polypeptide(L)' 
_entity_poly.nstd_linkage                   no 
_entity_poly.nstd_monomer                   yes 
_entity_poly.pdbx_seq_one_letter_code       
;(MSE)GHHHHHHSHSPLDAPQLLHFVDQYREQLIARVTSVEVVLDKLHGQVLSQEQYERVLAENTRPSQ(MSE)RKLFSL
SQSWDRKCKDGLYQALKETHPHLI(MSE)ELWEKGSKKG
;
_entity_poly.pdbx_seq_one_letter_code_can   
;MGHHHHHHSHSPLDAPQLLHFVDQYREQLIARVTSVEVVLDKLHGQVLSQEQYERVLAENTRPSQMRKLFSLSQSWDRKC
KDGLYQALKETHPHLIMELWEKGSKKG
;
_entity_poly.pdbx_strand_id                 A 
_entity_poly.pdbx_target_identifier         HR3486E 
# 
loop_
_entity_poly_seq.entity_id 
_entity_poly_seq.num 
_entity_poly_seq.mon_id 
_entity_poly_seq.hetero 
1 1   MSE n 
1 2   GLY n 
1 3   HIS n 
1 4   HIS n 
1 5   HIS n 
1 6   HIS n 
1 7   HIS n 
1 8   HIS n 
1 9   SER n 
1 10  HIS n 
1 11  SER n 
1 12  PRO n 
1 13  LEU n 
1 14  ASP n 
1 15  ALA n 
1 16  PRO n 
1 17  GLN n 
1 18  LEU n 
1 19  LEU n 
1 20  HIS n 
1 21  PHE n 
1 22  VAL n 
1 23  ASP n 
1 24  GLN n 
1 25  TYR n 
1 26  ARG n 
1 27  GLU n 
1 28  GLN n 
1 29  LEU n 
1 30  ILE n 
1 31  ALA n 
1 32  ARG n 
1 33  VAL n 
1 34  THR n 
1 35  SER n 
1 36  VAL n 
1 37  GLU n 
1 38  VAL n 
1 39  VAL n 
1 40  LEU n 
1 41  ASP n 
1 42  LYS n 
1 43  LEU n 
1 44  HIS n 
1 45  GLY n 
1 46  GLN n 
1 47  VAL n 
1 48  LEU n 
1 49  SER n 
1 50  GLN n 
1 51  GLU n 
1 52  GLN n 
1 53  TYR n 
1 54  GLU n 
1 55  ARG n 
1 56  VAL n 
1 57  LEU n 
1 58  ALA n 
1 59  GLU n 
1 60  ASN n 
1 61  THR n 
1 62  ARG n 
1 63  PRO n 
1 64  SER n 
1 65  GLN n 
1 66  MSE n 
1 67  ARG n 
1 68  LYS n 
1 69  LEU n 
1 70  PHE n 
1 71  SER n 
1 72  LEU n 
1 73  SER n 
1 74  GLN n 
1 75  SER n 
1 76  TRP n 
1 77  ASP n 
1 78  ARG n 
1 79  LYS n 
1 80  CYS n 
1 81  LYS n 
1 82  ASP n 
1 83  GLY n 
1 84  LEU n 
1 85  TYR n 
1 86  GLN n 
1 87  ALA n 
1 88  LEU n 
1 89  LYS n 
1 90  GLU n 
1 91  THR n 
1 92  HIS n 
1 93  PRO n 
1 94  HIS n 
1 95  LEU n 
1 96  ILE n 
1 97  MSE n 
1 98  GLU n 
1 99  LEU n 
1 100 TRP n 
1 101 GLU n 
1 102 LYS n 
1 103 GLY n 
1 104 SER n 
1 105 LYS n 
1 106 LYS n 
1 107 GLY n 
# 
_entity_src_gen.entity_id                          1 
_entity_src_gen.pdbx_src_id                        1 
_entity_src_gen.pdbx_alt_source_flag               sample 
_entity_src_gen.pdbx_seq_type                      ? 
_entity_src_gen.pdbx_beg_seq_num                   ? 
_entity_src_gen.pdbx_end_seq_num                   ? 
_entity_src_gen.gene_src_common_name               human 
_entity_src_gen.gene_src_genus                     ? 
_entity_src_gen.pdbx_gene_src_gene                 'CARD7, DEFCAP, KIAA0926, NAC, NALP1, NLRP1' 
_entity_src_gen.gene_src_species                   ? 
_entity_src_gen.gene_src_strain                    ? 
_entity_src_gen.gene_src_tissue                    ? 
_entity_src_gen.gene_src_tissue_fraction           ? 
_entity_src_gen.gene_src_details                   ? 
_entity_src_gen.pdbx_gene_src_fragment             ? 
_entity_src_gen.pdbx_gene_src_scientific_name      'Homo sapiens' 
_entity_src_gen.pdbx_gene_src_ncbi_taxonomy_id     9606 
_entity_src_gen.pdbx_gene_src_variant              ? 
_entity_src_gen.pdbx_gene_src_cell_line            ? 
_entity_src_gen.pdbx_gene_src_atcc                 ? 
_entity_src_gen.pdbx_gene_src_organ                ? 
_entity_src_gen.pdbx_gene_src_organelle            ? 
_entity_src_gen.pdbx_gene_src_cell                 ? 
_entity_src_gen.pdbx_gene_src_cellular_location    ? 
_entity_src_gen.host_org_common_name               ? 
_entity_src_gen.pdbx_host_org_scientific_name      'Escherichia coli BL21(DE3)' 
_entity_src_gen.pdbx_host_org_ncbi_taxonomy_id     469008 
_entity_src_gen.host_org_genus                     ? 
_entity_src_gen.pdbx_host_org_gene                 ? 
_entity_src_gen.pdbx_host_org_organ                ? 
_entity_src_gen.host_org_species                   ? 
_entity_src_gen.pdbx_host_org_tissue               ? 
_entity_src_gen.pdbx_host_org_tissue_fraction      ? 
_entity_src_gen.pdbx_host_org_strain               'BL21(DE3)+ Magic' 
_entity_src_gen.pdbx_host_org_variant              ? 
_entity_src_gen.pdbx_host_org_cell_line            ? 
_entity_src_gen.pdbx_host_org_atcc                 ? 
_entity_src_gen.pdbx_host_org_culture_collection   ? 
_entity_src_gen.pdbx_host_org_cell                 ? 
_entity_src_gen.pdbx_host_org_organelle            ? 
_entity_src_gen.pdbx_host_org_cellular_location    ? 
_entity_src_gen.pdbx_host_org_vector_type          plasmid 
_entity_src_gen.pdbx_host_org_vector               ? 
_entity_src_gen.host_org_details                   ? 
_entity_src_gen.expression_system_id               ? 
_entity_src_gen.plasmid_name                       'pET 14-15C' 
_entity_src_gen.plasmid_details                    ? 
_entity_src_gen.pdbx_description                   ? 
# 
loop_
_chem_comp.id 
_chem_comp.type 
_chem_comp.mon_nstd_flag 
_chem_comp.name 
_chem_comp.pdbx_synonyms 
_chem_comp.formula 
_chem_comp.formula_weight 
ALA 'L-peptide linking' y ALANINE          ? 'C3 H7 N O2'     89.093  
ARG 'L-peptide linking' y ARGININE         ? 'C6 H15 N4 O2 1' 175.209 
ASN 'L-peptide linking' y ASPARAGINE       ? 'C4 H8 N2 O3'    132.118 
ASP 'L-peptide linking' y 'ASPARTIC ACID'  ? 'C4 H7 N O4'     133.103 
CYS 'L-peptide linking' y CYSTEINE         ? 'C3 H7 N O2 S'   121.158 
GLN 'L-peptide linking' y GLUTAMINE        ? 'C5 H10 N2 O3'   146.144 
GLU 'L-peptide linking' y 'GLUTAMIC ACID'  ? 'C5 H9 N O4'     147.129 
GLY 'peptide linking'   y GLYCINE          ? 'C2 H5 N O2'     75.067  
HIS 'L-peptide linking' y HISTIDINE        ? 'C6 H10 N3 O2 1' 156.162 
ILE 'L-peptide linking' y ISOLEUCINE       ? 'C6 H13 N O2'    131.173 
LEU 'L-peptide linking' y LEUCINE          ? 'C6 H13 N O2'    131.173 
LYS 'L-peptide linking' y LYSINE           ? 'C6 H15 N2 O2 1' 147.195 
MSE 'L-peptide linking' n SELENOMETHIONINE ? 'C5 H11 N O2 Se' 196.106 
PHE 'L-peptide linking' y PHENYLALANINE    ? 'C9 H11 N O2'    165.189 
PRO 'L-peptide linking' y PROLINE          ? 'C5 H9 N O2'     115.130 
SER 'L-peptide linking' y SERINE           ? 'C3 H7 N O3'     105.093 
THR 'L-peptide linking' y THREONINE        ? 'C4 H9 N O3'     119.119 
TRP 'L-peptide linking' y TRYPTOPHAN       ? 'C11 H12 N2 O2'  204.225 
TYR 'L-peptide linking' y TYROSINE         ? 'C9 H11 N O3'    181.189 
VAL 'L-peptide linking' y VALINE           ? 'C5 H11 N O2'    117.146 
# 
loop_
_pdbx_poly_seq_scheme.asym_id 
_pdbx_poly_seq_scheme.entity_id 
_pdbx_poly_seq_scheme.seq_id 
_pdbx_poly_seq_scheme.mon_id 
_pdbx_poly_seq_scheme.ndb_seq_num 
_pdbx_poly_seq_scheme.pdb_seq_num 
_pdbx_poly_seq_scheme.auth_seq_num 
_pdbx_poly_seq_scheme.pdb_mon_id 
_pdbx_poly_seq_scheme.auth_mon_id 
_pdbx_poly_seq_scheme.pdb_strand_id 
_pdbx_poly_seq_scheme.pdb_ins_code 
_pdbx_poly_seq_scheme.hetero 
A 1 1   MSE 1   1361 ?    ?   ?   A . n 
A 1 2   GLY 2   1362 ?    ?   ?   A . n 
A 1 3   HIS 3   1363 ?    ?   ?   A . n 
A 1 4   HIS 4   1364 ?    ?   ?   A . n 
A 1 5   HIS 5   1365 ?    ?   ?   A . n 
A 1 6   HIS 6   1366 ?    ?   ?   A . n 
A 1 7   HIS 7   1367 ?    ?   ?   A . n 
A 1 8   HIS 8   1368 ?    ?   ?   A . n 
A 1 9   SER 9   1369 ?    ?   ?   A . n 
A 1 10  HIS 10  1370 ?    ?   ?   A . n 
A 1 11  SER 11  1371 ?    ?   ?   A . n 
A 1 12  PRO 12  1372 ?    ?   ?   A . n 
A 1 13  LEU 13  1373 ?    ?   ?   A . n 
A 1 14  ASP 14  1374 ?    ?   ?   A . n 
A 1 15  ALA 15  1375 ?    ?   ?   A . n 
A 1 16  PRO 16  1376 ?    ?   ?   A . n 
A 1 17  GLN 17  1377 ?    ?   ?   A . n 
A 1 18  LEU 18  1378 ?    ?   ?   A . n 
A 1 19  LEU 19  1379 1379 LEU LEU A . n 
A 1 20  HIS 20  1380 1380 HIS HIS A . n 
A 1 21  PHE 21  1381 1381 PHE PHE A . n 
A 1 22  VAL 22  1382 1382 VAL VAL A . n 
A 1 23  ASP 23  1383 1383 ASP ASP A . n 
A 1 24  GLN 24  1384 1384 GLN GLN A . n 
A 1 25  TYR 25  1385 1385 TYR TYR A . n 
A 1 26  ARG 26  1386 1386 ARG ARG A . n 
A 1 27  GLU 27  1387 1387 GLU GLU A . n 
A 1 28  GLN 28  1388 1388 GLN GLN A . n 
A 1 29  LEU 29  1389 1389 LEU LEU A . n 
A 1 30  ILE 30  1390 1390 ILE ILE A . n 
A 1 31  ALA 31  1391 1391 ALA ALA A . n 
A 1 32  ARG 32  1392 1392 ARG ARG A . n 
A 1 33  VAL 33  1393 1393 VAL VAL A . n 
A 1 34  THR 34  1394 1394 THR THR A . n 
A 1 35  SER 35  1395 1395 SER SER A . n 
A 1 36  VAL 36  1396 1396 VAL VAL A . n 
A 1 37  GLU 37  1397 1397 GLU GLU A . n 
A 1 38  VAL 38  1398 1398 VAL VAL A . n 
A 1 39  VAL 39  1399 1399 VAL VAL A . n 
A 1 40  LEU 40  1400 1400 LEU LEU A . n 
A 1 41  ASP 41  1401 1401 ASP ASP A . n 
A 1 42  LYS 42  1402 1402 LYS LYS A . n 
A 1 43  LEU 43  1403 1403 LEU LEU A . n 
A 1 44  HIS 44  1404 1404 HIS HIS A . n 
A 1 45  GLY 45  1405 1405 GLY GLY A . n 
A 1 46  GLN 46  1406 1406 GLN GLN A . n 
A 1 47  VAL 47  1407 1407 VAL VAL A . n 
A 1 48  LEU 48  1408 1408 LEU LEU A . n 
A 1 49  SER 49  1409 1409 SER SER A . n 
A 1 50  GLN 50  1410 1410 GLN GLN A . n 
A 1 51  GLU 51  1411 1411 GLU GLU A . n 
A 1 52  GLN 52  1412 1412 GLN GLN A . n 
A 1 53  TYR 53  1413 1413 TYR TYR A . n 
A 1 54  GLU 54  1414 1414 GLU GLU A . n 
A 1 55  ARG 55  1415 1415 ARG ARG A . n 
A 1 56  VAL 56  1416 1416 VAL VAL A . n 
A 1 57  LEU 57  1417 1417 LEU LEU A . n 
A 1 58  ALA 58  1418 1418 ALA ALA A . n 
A 1 59  GLU 59  1419 1419 GLU GLU A . n 
A 1 60  ASN 60  1420 1420 ASN ASN A . n 
A 1 61  THR 61  1421 1421 THR THR A . n 
A 1 62  ARG 62  1422 1422 ARG ARG A . n 
A 1 63  PRO 63  1423 1423 PRO PRO A . n 
A 1 64  SER 64  1424 1424 SER SER A . n 
A 1 65  GLN 65  1425 1425 GLN GLN A . n 
A 1 66  MSE 66  1426 1426 MSE MSE A . n 
A 1 67  ARG 67  1427 1427 ARG ARG A . n 
A 1 68  LYS 68  1428 1428 LYS LYS A . n 
A 1 69  LEU 69  1429 1429 LEU LEU A . n 
A 1 70  PHE 70  1430 1430 PHE PHE A . n 
A 1 71  SER 71  1431 1431 SER SER A . n 
A 1 72  LEU 72  1432 1432 LEU LEU A . n 
A 1 73  SER 73  1433 1433 SER SER A . n 
A 1 74  GLN 74  1434 1434 GLN GLN A . n 
A 1 75  SER 75  1435 1435 SER SER A . n 
A 1 76  TRP 76  1436 1436 TRP TRP A . n 
A 1 77  ASP 77  1437 1437 ASP ASP A . n 
A 1 78  ARG 78  1438 1438 ARG ARG A . n 
A 1 79  LYS 79  1439 1439 LYS LYS A . n 
A 1 80  CYS 80  1440 1440 CYS CYS A . n 
A 1 81  LYS 81  1441 1441 LYS LYS A . n 
A 1 82  ASP 82  1442 1442 ASP ASP A . n 
A 1 83  GLY 83  1443 1443 GLY GLY A . n 
A 1 84  LEU 84  1444 1444 LEU LEU A . n 
A 1 85  TYR 85  1445 1445 TYR TYR A . n 
A 1 86  GLN 86  1446 1446 GLN GLN A . n 
A 1 87  ALA 87  1447 1447 ALA ALA A . n 
A 1 88  LEU 88  1448 1448 LEU LEU A . n 
A 1 89  LYS 89  1449 1449 LYS LYS A . n 
A 1 90  GLU 90  1450 1450 GLU GLU A . n 
A 1 91  THR 91  1451 1451 THR THR A . n 
A 1 92  HIS 92  1452 1452 HIS HIS A . n 
A 1 93  PRO 93  1453 1453 PRO PRO A . n 
A 1 94  HIS 94  1454 1454 HIS HIS A . n 
A 1 95  LEU 95  1455 1455 LEU LEU A . n 
A 1 96  ILE 96  1456 1456 ILE ILE A . n 
A 1 97  MSE 97  1457 1457 MSE MSE A . n 
A 1 98  GLU 98  1458 1458 GLU GLU A . n 
A 1 99  LEU 99  1459 1459 LEU LEU A . n 
A 1 100 TRP 100 1460 1460 TRP TRP A . n 
A 1 101 GLU 101 1461 1461 GLU GLU A . n 
A 1 102 LYS 102 1462 1462 LYS LYS A . n 
A 1 103 GLY 103 1463 ?    ?   ?   A . n 
A 1 104 SER 104 1464 ?    ?   ?   A . n 
A 1 105 LYS 105 1465 ?    ?   ?   A . n 
A 1 106 LYS 106 1466 ?    ?   ?   A . n 
A 1 107 GLY 107 1467 ?    ?   ?   A . n 
# 
loop_
_software.name 
_software.version 
_software.date 
_software.type 
_software.contact_author 
_software.contact_author_email 
_software.classification 
_software.location 
_software.language 
_software.citation_id 
_software.pdbx_ordinal 
CNS         '1.2 & XtalView'     ?                 ?       ?                 ?                        refinement        ? ? ? 1 
PDB_EXTRACT 3.00                 'March. 27, 2007' package PDB               sw-help@rcsb.rutgers.edu 'data extraction' 
http://pdb.rutgers.edu/software/ C++        ? 2 
ADSC        Quantum              ?                 ?       ?                 ?                        'data collection' ? ? ? 3 
HKL-2000    .                    ?                 ?       ?                 ?                        'data reduction'  ? ? ? 4 
SCALEPACK   .                    ?                 ?       ?                 ?                        'data scaling'    ? ? ? 5 
SHELX       'then SOLVE/RESOLVE' ?                 ?       ?                 ?                        phasing           ? ? ? 6 
REFMAC      .                    ?                 program 'Murshudov, G.N.' ccp4@dl.ac.uk            refinement        
http://www.ccp4.ac.uk/main.html  Fortran_77 ? 7 
# 
_cell.entry_id           3KAT 
_cell.length_a           40.708 
_cell.length_b           40.708 
_cell.length_c           160.413 
_cell.angle_alpha        90.000 
_cell.angle_beta         90.000 
_cell.angle_gamma        90.000 
_cell.pdbx_unique_axis   ? 
_cell.Z_PDB              8 
_cell.length_a_esd       ? 
_cell.length_b_esd       ? 
_cell.length_c_esd       ? 
_cell.angle_alpha_esd    ? 
_cell.angle_beta_esd     ? 
_cell.angle_gamma_esd    ? 
# 
_symmetry.entry_id                         3KAT 
_symmetry.space_group_name_H-M             'P 41 21 2' 
_symmetry.Int_Tables_number                92 
_symmetry.pdbx_full_space_group_name_H-M   ? 
_symmetry.cell_setting                     ? 
_symmetry.space_group_name_Hall            ? 
# 
_exptl.crystals_number   1 
_exptl.entry_id          3KAT 
_exptl.method            'X-RAY DIFFRACTION' 
# 
_exptl_crystal.id                    1 
_exptl_crystal.density_Matthews      2.61 
_exptl_crystal.density_meas          ? 
_exptl_crystal.density_percent_sol   52.87 
_exptl_crystal.description           ? 
_exptl_crystal.F_000                 ? 
_exptl_crystal.preparation           ? 
# 
_exptl_crystal_grow.crystal_id      1 
_exptl_crystal_grow.method          'VAPOR DIFFUSION, HANGING DROP' 
_exptl_crystal_grow.pH              7.5 
_exptl_crystal_grow.temp            291 
_exptl_crystal_grow.pdbx_details    
;Protein solution: 100mM NaCl, 5mM DTT, 0.02% NaN3, 10mM Tris-HCl (pH 7.5) . Reservoir solution: 18% PEG3350 and 150 mM sodium formate., VAPOR DIFFUSION, HANGING DROP, temperature 291K
;
_exptl_crystal_grow.temp_details    ? 
_exptl_crystal_grow.pdbx_pH_range   ? 
# 
_diffrn.id                     1 
_diffrn.ambient_temp           100 
_diffrn.ambient_temp_details   ? 
_diffrn.crystal_id             1 
# 
_diffrn_detector.diffrn_id              1 
_diffrn_detector.detector               CCD 
_diffrn_detector.type                   'ADSC QUANTUM 4' 
_diffrn_detector.pdbx_collection_date   2009-10-15 
_diffrn_detector.details                mirrors 
# 
_diffrn_radiation.diffrn_id                        1 
_diffrn_radiation.pdbx_diffrn_protocol             'SINGLE WAVELENGTH' 
_diffrn_radiation.monochromator                    'Si 111 CHANNEL' 
_diffrn_radiation.wavelength_id                    1 
_diffrn_radiation.pdbx_monochromatic_or_laue_m_l   M 
_diffrn_radiation.pdbx_scattering_type             x-ray 
# 
_diffrn_radiation_wavelength.id           1 
_diffrn_radiation_wavelength.wavelength   0.97882 
_diffrn_radiation_wavelength.wt           1.0 
# 
_diffrn_source.diffrn_id                   1 
_diffrn_source.source                      SYNCHROTRON 
_diffrn_source.type                        'NSLS BEAMLINE X4A' 
_diffrn_source.pdbx_wavelength_list        0.97882 
_diffrn_source.pdbx_wavelength             ? 
_diffrn_source.pdbx_synchrotron_site       NSLS 
_diffrn_source.pdbx_synchrotron_beamline   X4A 
# 
_reflns.entry_id                     3KAT 
_reflns.observed_criterion_sigma_F   1.0 
_reflns.observed_criterion_sigma_I   1.0 
_reflns.d_resolution_high            3.1 
_reflns.d_resolution_low             30 
_reflns.number_all                   4726 
_reflns.number_obs                   3795 
_reflns.percent_possible_obs         80.3 
_reflns.pdbx_Rmerge_I_obs            0.065 
_reflns.pdbx_Rsym_value              0.063 
_reflns.pdbx_netI_over_sigmaI        18.01 
_reflns.B_iso_Wilson_estimate        43.4 
_reflns.pdbx_redundancy              5.2 
_reflns.R_free_details               ? 
_reflns.limit_h_max                  ? 
_reflns.limit_h_min                  ? 
_reflns.limit_k_max                  ? 
_reflns.limit_k_min                  ? 
_reflns.limit_l_max                  ? 
_reflns.limit_l_min                  ? 
_reflns.observed_criterion_F_max     ? 
_reflns.observed_criterion_F_min     ? 
_reflns.pdbx_chi_squared             ? 
_reflns.pdbx_scaling_rejects         ? 
_reflns.pdbx_diffrn_id               1 
_reflns.pdbx_ordinal                 1 
# 
_reflns_shell.d_res_high             3.1 
_reflns_shell.d_res_low              3.21 
_reflns_shell.percent_possible_obs   ? 
_reflns_shell.percent_possible_all   54.9 
_reflns_shell.Rmerge_I_obs           0.157 
_reflns_shell.meanI_over_sigI_obs    3.79 
_reflns_shell.pdbx_Rsym_value        0.198 
_reflns_shell.pdbx_redundancy        2.3 
_reflns_shell.number_unique_all      462 
_reflns_shell.number_measured_all    ? 
_reflns_shell.number_measured_obs    ? 
_reflns_shell.number_unique_obs      ? 
_reflns_shell.pdbx_chi_squared       ? 
_reflns_shell.pdbx_diffrn_id         ? 
_reflns_shell.pdbx_ordinal           1 
# 
_refine.entry_id                                 3KAT 
_refine.ls_d_res_high                            3.100 
_refine.ls_d_res_low                             19.970 
_refine.pdbx_ls_sigma_F                          2.00 
_refine.pdbx_data_cutoff_high_absF               196886.016 
_refine.pdbx_data_cutoff_low_absF                0.000 
_refine.ls_percent_reflns_obs                    80.400 
_refine.ls_number_reflns_obs                     3749 
_refine.pdbx_ls_cross_valid_method               THROUGHOUT 
_refine.pdbx_R_Free_selection_details            RANDOM 
_refine.ls_R_factor_R_work                       0.202 
_refine.ls_R_factor_R_free                       0.260 
_refine.ls_percent_reflns_R_free                 4.700 
_refine.ls_number_reflns_R_free                  176 
_refine.ls_R_factor_R_free_error                 0.020 
_refine.B_iso_mean                               58.800 
_refine.solvent_model_param_bsol                 33.595 
_refine.solvent_model_param_ksol                 0.350 
_refine.pdbx_isotropic_thermal_model             RESTRAINED 
_refine.aniso_B[1][1]                            2.180 
_refine.aniso_B[2][2]                            2.180 
_refine.aniso_B[3][3]                            -4.360 
_refine.aniso_B[1][2]                            0.000 
_refine.aniso_B[1][3]                            0.000 
_refine.aniso_B[2][3]                            0.000 
_refine.solvent_model_details                    'FLAT MODEL' 
_refine.pdbx_ls_sigma_I                          ? 
_refine.ls_number_reflns_all                     ? 
_refine.ls_R_factor_all                          ? 
_refine.ls_R_factor_obs                          ? 
_refine.ls_redundancy_reflns_obs                 ? 
_refine.ls_number_parameters                     ? 
_refine.ls_number_restraints                     ? 
_refine.ls_R_factor_R_free_error_details         ? 
_refine.pdbx_method_to_determine_struct          SAD 
_refine.pdbx_starting_model                      ? 
_refine.pdbx_stereochem_target_val_spec_case     ? 
_refine.pdbx_stereochemistry_target_values       'Engh & Huber' 
_refine.occupancy_max                            ? 
_refine.occupancy_min                            ? 
_refine.details                                  ? 
_refine.B_iso_min                                ? 
_refine.B_iso_max                                ? 
_refine.correlation_coeff_Fo_to_Fc               ? 
_refine.correlation_coeff_Fo_to_Fc_free          ? 
_refine.pdbx_solvent_vdw_probe_radii             ? 
_refine.pdbx_solvent_ion_probe_radii             ? 
_refine.pdbx_solvent_shrinkage_radii             ? 
_refine.overall_SU_R_Cruickshank_DPI             ? 
_refine.overall_SU_R_free                        ? 
_refine.overall_SU_ML                            ? 
_refine.overall_SU_B                             ? 
_refine.pdbx_overall_ESU_R_Free                  ? 
_refine.pdbx_data_cutoff_high_rms_absF           ? 
_refine.pdbx_overall_ESU_R                       ? 
_refine.ls_wR_factor_R_free                      ? 
_refine.ls_wR_factor_R_work                      ? 
_refine.overall_FOM_free_R_set                   ? 
_refine.overall_FOM_work_R_set                   ? 
_refine.pdbx_overall_phase_error                 ? 
_refine.pdbx_refine_id                           'X-RAY DIFFRACTION' 
_refine.pdbx_diffrn_id                           1 
_refine.pdbx_TLS_residual_ADP_flag               ? 
_refine.pdbx_overall_SU_R_free_Cruickshank_DPI   ? 
_refine.pdbx_overall_SU_R_Blow_DPI               ? 
_refine.pdbx_overall_SU_R_free_Blow_DPI          ? 
# 
_refine_analyze.entry_id                        3KAT 
_refine_analyze.Luzzati_coordinate_error_obs    0.350 
_refine_analyze.Luzzati_sigma_a_obs             0.590 
_refine_analyze.Luzzati_d_res_low_obs           5.000 
_refine_analyze.Luzzati_coordinate_error_free   0.430 
_refine_analyze.Luzzati_sigma_a_free            0.680 
_refine_analyze.Luzzati_d_res_low_free          ? 
_refine_analyze.number_disordered_residues      ? 
_refine_analyze.occupancy_sum_non_hydrogen      ? 
_refine_analyze.occupancy_sum_hydrogen          ? 
_refine_analyze.pdbx_Luzzati_d_res_high_obs     ? 
_refine_analyze.pdbx_refine_id                  'X-RAY DIFFRACTION' 
# 
_refine_hist.pdbx_refine_id                   'X-RAY DIFFRACTION' 
_refine_hist.cycle_id                         LAST 
_refine_hist.pdbx_number_atoms_protein        707 
_refine_hist.pdbx_number_atoms_nucleic_acid   0 
_refine_hist.pdbx_number_atoms_ligand         0 
_refine_hist.number_atoms_solvent             0 
_refine_hist.number_atoms_total               707 
_refine_hist.d_res_high                       3.100 
_refine_hist.d_res_low                        19.970 
# 
loop_
_refine_ls_restr.type 
_refine_ls_restr.number 
_refine_ls_restr.dev_ideal 
_refine_ls_restr.dev_ideal_target 
_refine_ls_restr.weight 
_refine_ls_restr.pdbx_refine_id 
_refine_ls_restr.pdbx_restraint_function 
c_bond_d           ? 0.009  ? ? 'X-RAY DIFFRACTION' ? 
c_angle_deg        ? 1.300  ? ? 'X-RAY DIFFRACTION' ? 
c_dihedral_angle_d ? 19.500 ? ? 'X-RAY DIFFRACTION' ? 
c_improper_angle_d ? 0.660  ? ? 'X-RAY DIFFRACTION' ? 
# 
_refine_ls_shell.d_res_high                       3.100 
_refine_ls_shell.d_res_low                        3.210 
_refine_ls_shell.pdbx_total_number_of_bins_used   10 
_refine_ls_shell.percent_reflns_obs               53.800 
_refine_ls_shell.number_reflns_R_work             237 
_refine_ls_shell.R_factor_all                     ? 
_refine_ls_shell.R_factor_R_work                  0.331 
_refine_ls_shell.R_factor_R_free                  0.395 
_refine_ls_shell.percent_reflns_R_free            6.000 
_refine_ls_shell.number_reflns_R_free             15 
_refine_ls_shell.R_factor_R_free_error            0.102 
_refine_ls_shell.number_reflns_all                ? 
_refine_ls_shell.number_reflns_obs                252 
_refine_ls_shell.redundancy_reflns_obs            ? 
_refine_ls_shell.pdbx_refine_id                   'X-RAY DIFFRACTION' 
# 
_struct.entry_id                  3KAT 
_struct.title                     
'Crystal Structure of the CARD domain of the human NLRP1 protein, Northeast Structural Genomics Consortium Target HR3486E' 
_struct.pdbx_model_details        ? 
_struct.pdbx_CASP_flag            ? 
_struct.pdbx_model_type_details   ? 
# 
_struct_keywords.entry_id        3KAT 
_struct_keywords.text            
;Structural Genomics, PSI-2, Protein Structure Initiative, Northeast Structural Genomics Consortium, NESG, Alternative splicing, ATP-binding, Cytoplasm, Leucine-rich repeat, Nucleotide-binding, Nucleus, Polymorphism, APOPTOSIS
;
_struct_keywords.pdbx_keywords   APOPTOSIS 
# 
_struct_asym.id                            A 
_struct_asym.pdbx_blank_PDB_chainid_flag   N 
_struct_asym.pdbx_modified                 N 
_struct_asym.entity_id                     1 
_struct_asym.details                       ? 
# 
_struct_ref.id                         1 
_struct_ref.db_name                    UNP 
_struct_ref.db_code                    NALP1_HUMAN 
_struct_ref.pdbx_db_accession          Q9C000 
_struct_ref.entity_id                  1 
_struct_ref.pdbx_seq_one_letter_code   
;SPLDAPQLLHFVDQYREQLIARVTSVEVVLDKLHGQVLSQEQYERVLAENTRPSQMRKLFSLSQSWDRKCKDGLYQALKE
THPHLIMELWEKGSKKG
;
_struct_ref.pdbx_align_begin           1371 
_struct_ref.pdbx_db_isoform            ? 
# 
_struct_ref_seq.align_id                      1 
_struct_ref_seq.ref_id                        1 
_struct_ref_seq.pdbx_PDB_id_code              3KAT 
_struct_ref_seq.pdbx_strand_id                A 
_struct_ref_seq.seq_align_beg                 11 
_struct_ref_seq.pdbx_seq_align_beg_ins_code   ? 
_struct_ref_seq.seq_align_end                 107 
_struct_ref_seq.pdbx_seq_align_end_ins_code   ? 
_struct_ref_seq.pdbx_db_accession             Q9C000 
_struct_ref_seq.db_align_beg                  1371 
_struct_ref_seq.pdbx_db_align_beg_ins_code    ? 
_struct_ref_seq.db_align_end                  1467 
_struct_ref_seq.pdbx_db_align_end_ins_code    ? 
_struct_ref_seq.pdbx_auth_seq_align_beg       1371 
_struct_ref_seq.pdbx_auth_seq_align_end       1467 
# 
loop_
_struct_ref_seq_dif.align_id 
_struct_ref_seq_dif.pdbx_pdb_id_code 
_struct_ref_seq_dif.mon_id 
_struct_ref_seq_dif.pdbx_pdb_strand_id 
_struct_ref_seq_dif.seq_num 
_struct_ref_seq_dif.pdbx_pdb_ins_code 
_struct_ref_seq_dif.pdbx_seq_db_name 
_struct_ref_seq_dif.pdbx_seq_db_accession_code 
_struct_ref_seq_dif.db_mon_id 
_struct_ref_seq_dif.pdbx_seq_db_seq_num 
_struct_ref_seq_dif.details 
_struct_ref_seq_dif.pdbx_auth_seq_num 
_struct_ref_seq_dif.pdbx_ordinal 
1 3KAT MSE A 1  ? UNP Q9C000 ? ? 'expression tag' 1361 1  
1 3KAT GLY A 2  ? UNP Q9C000 ? ? 'expression tag' 1362 2  
1 3KAT HIS A 3  ? UNP Q9C000 ? ? 'expression tag' 1363 3  
1 3KAT HIS A 4  ? UNP Q9C000 ? ? 'expression tag' 1364 4  
1 3KAT HIS A 5  ? UNP Q9C000 ? ? 'expression tag' 1365 5  
1 3KAT HIS A 6  ? UNP Q9C000 ? ? 'expression tag' 1366 6  
1 3KAT HIS A 7  ? UNP Q9C000 ? ? 'expression tag' 1367 7  
1 3KAT HIS A 8  ? UNP Q9C000 ? ? 'expression tag' 1368 8  
1 3KAT SER A 9  ? UNP Q9C000 ? ? 'expression tag' 1369 9  
1 3KAT HIS A 10 ? UNP Q9C000 ? ? 'expression tag' 1370 10 
# 
loop_
_pdbx_struct_assembly.id 
_pdbx_struct_assembly.details 
_pdbx_struct_assembly.method_details 
_pdbx_struct_assembly.oligomeric_details 
_pdbx_struct_assembly.oligomeric_count 
1 author_defined_assembly   ?    monomeric 1 
2 software_defined_assembly PISA dimeric   2 
# 
loop_
_pdbx_struct_assembly_prop.biol_id 
_pdbx_struct_assembly_prop.type 
_pdbx_struct_assembly_prop.value 
_pdbx_struct_assembly_prop.details 
2 'ABSA (A^2)' 690  ? 
2 MORE         -9   ? 
2 'SSA (A^2)'  9310 ? 
# 
loop_
_pdbx_struct_assembly_gen.assembly_id 
_pdbx_struct_assembly_gen.oper_expression 
_pdbx_struct_assembly_gen.asym_id_list 
1 1   A 
2 1,2 A 
# 
_pdbx_struct_assembly_auth_evidence.id                     1 
_pdbx_struct_assembly_auth_evidence.assembly_id            1 
_pdbx_struct_assembly_auth_evidence.experimental_support   'light scattering' 
_pdbx_struct_assembly_auth_evidence.details                ? 
# 
loop_
_pdbx_struct_oper_list.id 
_pdbx_struct_oper_list.type 
_pdbx_struct_oper_list.name 
_pdbx_struct_oper_list.symmetry_operation 
_pdbx_struct_oper_list.matrix[1][1] 
_pdbx_struct_oper_list.matrix[1][2] 
_pdbx_struct_oper_list.matrix[1][3] 
_pdbx_struct_oper_list.vector[1] 
_pdbx_struct_oper_list.matrix[2][1] 
_pdbx_struct_oper_list.matrix[2][2] 
_pdbx_struct_oper_list.matrix[2][3] 
_pdbx_struct_oper_list.vector[2] 
_pdbx_struct_oper_list.matrix[3][1] 
_pdbx_struct_oper_list.matrix[3][2] 
_pdbx_struct_oper_list.matrix[3][3] 
_pdbx_struct_oper_list.vector[3] 
1 'identity operation'         1_555 x,y,z  1.0000000000  0.0000000000  0.0000000000 0.0000000000 0.0000000000  1.0000000000  0.0000000000  0.0000000000  0.0000000000 0.0000000000  1.0000000000  0.0000000000  
2 'crystal symmetry operation' 7_555 y,x,-z -0.7824096560 -0.4372299939 0.4434693480 7.1992379272 -0.4372299939 -0.1214220995 -0.8911153720 24.1924829987 0.4434693480 -0.8911153720 -0.0961682445 20.3197686134 
# 
_struct_biol.id        1 
_struct_biol.details   'light scattering data suggest monomer.' 
# 
loop_
_struct_conf.conf_type_id 
_struct_conf.id 
_struct_conf.pdbx_PDB_helix_id 
_struct_conf.beg_label_comp_id 
_struct_conf.beg_label_asym_id 
_struct_conf.beg_label_seq_id 
_struct_conf.pdbx_beg_PDB_ins_code 
_struct_conf.end_label_comp_id 
_struct_conf.end_label_asym_id 
_struct_conf.end_label_seq_id 
_struct_conf.pdbx_end_PDB_ins_code 
_struct_conf.beg_auth_comp_id 
_struct_conf.beg_auth_asym_id 
_struct_conf.beg_auth_seq_id 
_struct_conf.end_auth_comp_id 
_struct_conf.end_auth_asym_id 
_struct_conf.end_auth_seq_id 
_struct_conf.pdbx_PDB_helix_class 
_struct_conf.details 
_struct_conf.pdbx_PDB_helix_length 
HELX_P HELX_P1 1 LEU A 19 ? TYR A 25  ? LEU A 1379 TYR A 1385 1 ? 7  
HELX_P HELX_P2 2 TYR A 25 ? ALA A 31  ? TYR A 1385 ALA A 1391 1 ? 7  
HELX_P HELX_P3 3 SER A 35 ? HIS A 44  ? SER A 1395 HIS A 1404 1 ? 10 
HELX_P HELX_P4 4 SER A 49 ? GLU A 59  ? SER A 1409 GLU A 1419 1 ? 11 
HELX_P HELX_P5 5 THR A 61 ? LEU A 72  ? THR A 1421 LEU A 1432 1 ? 12 
HELX_P HELX_P6 6 SER A 73 ? TRP A 76  ? SER A 1433 TRP A 1436 5 ? 4  
HELX_P HELX_P7 7 LYS A 79 ? HIS A 92  ? LYS A 1439 HIS A 1452 1 ? 14 
HELX_P HELX_P8 8 HIS A 92 ? LYS A 102 ? HIS A 1452 LYS A 1462 1 ? 11 
# 
_struct_conf_type.id          HELX_P 
_struct_conf_type.criteria    ? 
_struct_conf_type.reference   ? 
# 
loop_
_struct_conn.id 
_struct_conn.conn_type_id 
_struct_conn.pdbx_leaving_atom_flag 
_struct_conn.pdbx_PDB_id 
_struct_conn.ptnr1_label_asym_id 
_struct_conn.ptnr1_label_comp_id 
_struct_conn.ptnr1_label_seq_id 
_struct_conn.ptnr1_label_atom_id 
_struct_conn.pdbx_ptnr1_label_alt_id 
_struct_conn.pdbx_ptnr1_PDB_ins_code 
_struct_conn.pdbx_ptnr1_standard_comp_id 
_struct_conn.ptnr1_symmetry 
_struct_conn.ptnr2_label_asym_id 
_struct_conn.ptnr2_label_comp_id 
_struct_conn.ptnr2_label_seq_id 
_struct_conn.ptnr2_label_atom_id 
_struct_conn.pdbx_ptnr2_label_alt_id 
_struct_conn.pdbx_ptnr2_PDB_ins_code 
_struct_conn.ptnr1_auth_asym_id 
_struct_conn.ptnr1_auth_comp_id 
_struct_conn.ptnr1_auth_seq_id 
_struct_conn.ptnr2_auth_asym_id 
_struct_conn.ptnr2_auth_comp_id 
_struct_conn.ptnr2_auth_seq_id 
_struct_conn.ptnr2_symmetry 
_struct_conn.pdbx_ptnr3_label_atom_id 
_struct_conn.pdbx_ptnr3_label_seq_id 
_struct_conn.pdbx_ptnr3_label_comp_id 
_struct_conn.pdbx_ptnr3_label_asym_id 
_struct_conn.pdbx_ptnr3_label_alt_id 
_struct_conn.pdbx_ptnr3_PDB_ins_code 
_struct_conn.details 
_struct_conn.pdbx_dist_value 
_struct_conn.pdbx_value_order 
_struct_conn.pdbx_role 
covale1 covale both ? A GLN 65 C ? ? ? 1_555 A MSE 66 N ? ? A GLN 1425 A MSE 1426 1_555 ? ? ? ? ? ? ? 1.328 ? ? 
covale2 covale both ? A MSE 66 C ? ? ? 1_555 A ARG 67 N ? ? A MSE 1426 A ARG 1427 1_555 ? ? ? ? ? ? ? 1.329 ? ? 
covale3 covale both ? A ILE 96 C ? ? ? 1_555 A MSE 97 N ? ? A ILE 1456 A MSE 1457 1_555 ? ? ? ? ? ? ? 1.325 ? ? 
covale4 covale both ? A MSE 97 C ? ? ? 1_555 A GLU 98 N ? ? A MSE 1457 A GLU 1458 1_555 ? ? ? ? ? ? ? 1.329 ? ? 
# 
_struct_conn_type.id          covale 
_struct_conn_type.criteria    ? 
_struct_conn_type.reference   ? 
# 
loop_
_pdbx_modification_feature.ordinal 
_pdbx_modification_feature.label_comp_id 
_pdbx_modification_feature.label_asym_id 
_pdbx_modification_feature.label_seq_id 
_pdbx_modification_feature.label_alt_id 
_pdbx_modification_feature.modified_residue_label_comp_id 
_pdbx_modification_feature.modified_residue_label_asym_id 
_pdbx_modification_feature.modified_residue_label_seq_id 
_pdbx_modification_feature.modified_residue_label_alt_id 
_pdbx_modification_feature.auth_comp_id 
_pdbx_modification_feature.auth_asym_id 
_pdbx_modification_feature.auth_seq_id 
_pdbx_modification_feature.PDB_ins_code 
_pdbx_modification_feature.symmetry 
_pdbx_modification_feature.modified_residue_auth_comp_id 
_pdbx_modification_feature.modified_residue_auth_asym_id 
_pdbx_modification_feature.modified_residue_auth_seq_id 
_pdbx_modification_feature.modified_residue_PDB_ins_code 
_pdbx_modification_feature.modified_residue_symmetry 
_pdbx_modification_feature.comp_id_linking_atom 
_pdbx_modification_feature.modified_residue_id_linking_atom 
_pdbx_modification_feature.modified_residue_id 
_pdbx_modification_feature.ref_pcm_id 
_pdbx_modification_feature.ref_comp_id 
_pdbx_modification_feature.type 
_pdbx_modification_feature.category 
1 MSE A 66 ? . . . . MSE A 1426 ? 1_555 . . . . . . . MET 1 MSE Selenomethionine 'Named protein modification' 
2 MSE A 97 ? . . . . MSE A 1457 ? 1_555 . . . . . . . MET 1 MSE Selenomethionine 'Named protein modification' 
# 
_pdbx_entry_details.entry_id                   3KAT 
_pdbx_entry_details.compound_details           ? 
_pdbx_entry_details.source_details             ? 
_pdbx_entry_details.nonpolymer_details         ? 
_pdbx_entry_details.sequence_details           ? 
_pdbx_entry_details.has_ligand_of_interest     ? 
_pdbx_entry_details.has_protein_modification   Y 
# 
loop_
_pdbx_validate_torsion.id 
_pdbx_validate_torsion.PDB_model_num 
_pdbx_validate_torsion.auth_comp_id 
_pdbx_validate_torsion.auth_asym_id 
_pdbx_validate_torsion.auth_seq_id 
_pdbx_validate_torsion.PDB_ins_code 
_pdbx_validate_torsion.label_alt_id 
_pdbx_validate_torsion.phi 
_pdbx_validate_torsion.psi 
1 1 HIS A 1380 ? ? -55.05  -2.72   
2 1 TYR A 1385 ? ? -81.33  34.85   
3 1 ARG A 1386 ? ? -56.36  -72.03  
4 1 ARG A 1392 ? ? -143.12 -19.35  
5 1 GLN A 1406 ? ? -148.84 -44.84  
6 1 SER A 1409 ? ? -67.06  -178.29 
7 1 ASN A 1420 ? ? -69.62  -73.23  
8 1 THR A 1451 ? ? -55.73  -73.90  
# 
_pdbx_SG_project.id                    1 
_pdbx_SG_project.project_name          'PSI, Protein Structure Initiative' 
_pdbx_SG_project.full_name_of_center   'Northeast Structural Genomics Consortium' 
_pdbx_SG_project.initial_of_center     NESG 
# 
loop_
_pdbx_struct_mod_residue.id 
_pdbx_struct_mod_residue.label_asym_id 
_pdbx_struct_mod_residue.label_comp_id 
_pdbx_struct_mod_residue.label_seq_id 
_pdbx_struct_mod_residue.auth_asym_id 
_pdbx_struct_mod_residue.auth_comp_id 
_pdbx_struct_mod_residue.auth_seq_id 
_pdbx_struct_mod_residue.PDB_ins_code 
_pdbx_struct_mod_residue.parent_comp_id 
_pdbx_struct_mod_residue.details 
1 A MSE 66 A MSE 1426 ? MET SELENOMETHIONINE 
2 A MSE 97 A MSE 1457 ? MET SELENOMETHIONINE 
# 
loop_
_pdbx_unobs_or_zero_occ_residues.id 
_pdbx_unobs_or_zero_occ_residues.PDB_model_num 
_pdbx_unobs_or_zero_occ_residues.polymer_flag 
_pdbx_unobs_or_zero_occ_residues.occupancy_flag 
_pdbx_unobs_or_zero_occ_residues.auth_asym_id 
_pdbx_unobs_or_zero_occ_residues.auth_comp_id 
_pdbx_unobs_or_zero_occ_residues.auth_seq_id 
_pdbx_unobs_or_zero_occ_residues.PDB_ins_code 
_pdbx_unobs_or_zero_occ_residues.label_asym_id 
_pdbx_unobs_or_zero_occ_residues.label_comp_id 
_pdbx_unobs_or_zero_occ_residues.label_seq_id 
1  1 Y 1 A MSE 1361 ? A MSE 1   
2  1 Y 1 A GLY 1362 ? A GLY 2   
3  1 Y 1 A HIS 1363 ? A HIS 3   
4  1 Y 1 A HIS 1364 ? A HIS 4   
5  1 Y 1 A HIS 1365 ? A HIS 5   
6  1 Y 1 A HIS 1366 ? A HIS 6   
7  1 Y 1 A HIS 1367 ? A HIS 7   
8  1 Y 1 A HIS 1368 ? A HIS 8   
9  1 Y 1 A SER 1369 ? A SER 9   
10 1 Y 1 A HIS 1370 ? A HIS 10  
11 1 Y 1 A SER 1371 ? A SER 11  
12 1 Y 1 A PRO 1372 ? A PRO 12  
13 1 Y 1 A LEU 1373 ? A LEU 13  
14 1 Y 1 A ASP 1374 ? A ASP 14  
15 1 Y 1 A ALA 1375 ? A ALA 15  
16 1 Y 1 A PRO 1376 ? A PRO 16  
17 1 Y 1 A GLN 1377 ? A GLN 17  
18 1 Y 1 A LEU 1378 ? A LEU 18  
19 1 Y 1 A GLY 1463 ? A GLY 103 
20 1 Y 1 A SER 1464 ? A SER 104 
21 1 Y 1 A LYS 1465 ? A LYS 105 
22 1 Y 1 A LYS 1466 ? A LYS 106 
23 1 Y 1 A GLY 1467 ? A GLY 107 
# 
loop_
_chem_comp_atom.comp_id 
_chem_comp_atom.atom_id 
_chem_comp_atom.type_symbol 
_chem_comp_atom.pdbx_aromatic_flag 
_chem_comp_atom.pdbx_stereo_config 
_chem_comp_atom.pdbx_ordinal 
ALA N    N  N N 1   
ALA CA   C  N S 2   
ALA C    C  N N 3   
ALA O    O  N N 4   
ALA CB   C  N N 5   
ALA OXT  O  N N 6   
ALA H    H  N N 7   
ALA H2   H  N N 8   
ALA HA   H  N N 9   
ALA HB1  H  N N 10  
ALA HB2  H  N N 11  
ALA HB3  H  N N 12  
ALA HXT  H  N N 13  
ARG N    N  N N 14  
ARG CA   C  N S 15  
ARG C    C  N N 16  
ARG O    O  N N 17  
ARG CB   C  N N 18  
ARG CG   C  N N 19  
ARG CD   C  N N 20  
ARG NE   N  N N 21  
ARG CZ   C  N N 22  
ARG NH1  N  N N 23  
ARG NH2  N  N N 24  
ARG OXT  O  N N 25  
ARG H    H  N N 26  
ARG H2   H  N N 27  
ARG HA   H  N N 28  
ARG HB2  H  N N 29  
ARG HB3  H  N N 30  
ARG HG2  H  N N 31  
ARG HG3  H  N N 32  
ARG HD2  H  N N 33  
ARG HD3  H  N N 34  
ARG HE   H  N N 35  
ARG HH11 H  N N 36  
ARG HH12 H  N N 37  
ARG HH21 H  N N 38  
ARG HH22 H  N N 39  
ARG HXT  H  N N 40  
ASN N    N  N N 41  
ASN CA   C  N S 42  
ASN C    C  N N 43  
ASN O    O  N N 44  
ASN CB   C  N N 45  
ASN CG   C  N N 46  
ASN OD1  O  N N 47  
ASN ND2  N  N N 48  
ASN OXT  O  N N 49  
ASN H    H  N N 50  
ASN H2   H  N N 51  
ASN HA   H  N N 52  
ASN HB2  H  N N 53  
ASN HB3  H  N N 54  
ASN HD21 H  N N 55  
ASN HD22 H  N N 56  
ASN HXT  H  N N 57  
ASP N    N  N N 58  
ASP CA   C  N S 59  
ASP C    C  N N 60  
ASP O    O  N N 61  
ASP CB   C  N N 62  
ASP CG   C  N N 63  
ASP OD1  O  N N 64  
ASP OD2  O  N N 65  
ASP OXT  O  N N 66  
ASP H    H  N N 67  
ASP H2   H  N N 68  
ASP HA   H  N N 69  
ASP HB2  H  N N 70  
ASP HB3  H  N N 71  
ASP HD2  H  N N 72  
ASP HXT  H  N N 73  
CYS N    N  N N 74  
CYS CA   C  N R 75  
CYS C    C  N N 76  
CYS O    O  N N 77  
CYS CB   C  N N 78  
CYS SG   S  N N 79  
CYS OXT  O  N N 80  
CYS H    H  N N 81  
CYS H2   H  N N 82  
CYS HA   H  N N 83  
CYS HB2  H  N N 84  
CYS HB3  H  N N 85  
CYS HG   H  N N 86  
CYS HXT  H  N N 87  
GLN N    N  N N 88  
GLN CA   C  N S 89  
GLN C    C  N N 90  
GLN O    O  N N 91  
GLN CB   C  N N 92  
GLN CG   C  N N 93  
GLN CD   C  N N 94  
GLN OE1  O  N N 95  
GLN NE2  N  N N 96  
GLN OXT  O  N N 97  
GLN H    H  N N 98  
GLN H2   H  N N 99  
GLN HA   H  N N 100 
GLN HB2  H  N N 101 
GLN HB3  H  N N 102 
GLN HG2  H  N N 103 
GLN HG3  H  N N 104 
GLN HE21 H  N N 105 
GLN HE22 H  N N 106 
GLN HXT  H  N N 107 
GLU N    N  N N 108 
GLU CA   C  N S 109 
GLU C    C  N N 110 
GLU O    O  N N 111 
GLU CB   C  N N 112 
GLU CG   C  N N 113 
GLU CD   C  N N 114 
GLU OE1  O  N N 115 
GLU OE2  O  N N 116 
GLU OXT  O  N N 117 
GLU H    H  N N 118 
GLU H2   H  N N 119 
GLU HA   H  N N 120 
GLU HB2  H  N N 121 
GLU HB3  H  N N 122 
GLU HG2  H  N N 123 
GLU HG3  H  N N 124 
GLU HE2  H  N N 125 
GLU HXT  H  N N 126 
GLY N    N  N N 127 
GLY CA   C  N N 128 
GLY C    C  N N 129 
GLY O    O  N N 130 
GLY OXT  O  N N 131 
GLY H    H  N N 132 
GLY H2   H  N N 133 
GLY HA2  H  N N 134 
GLY HA3  H  N N 135 
GLY HXT  H  N N 136 
HIS N    N  N N 137 
HIS CA   C  N S 138 
HIS C    C  N N 139 
HIS O    O  N N 140 
HIS CB   C  N N 141 
HIS CG   C  Y N 142 
HIS ND1  N  Y N 143 
HIS CD2  C  Y N 144 
HIS CE1  C  Y N 145 
HIS NE2  N  Y N 146 
HIS OXT  O  N N 147 
HIS H    H  N N 148 
HIS H2   H  N N 149 
HIS HA   H  N N 150 
HIS HB2  H  N N 151 
HIS HB3  H  N N 152 
HIS HD1  H  N N 153 
HIS HD2  H  N N 154 
HIS HE1  H  N N 155 
HIS HE2  H  N N 156 
HIS HXT  H  N N 157 
ILE N    N  N N 158 
ILE CA   C  N S 159 
ILE C    C  N N 160 
ILE O    O  N N 161 
ILE CB   C  N S 162 
ILE CG1  C  N N 163 
ILE CG2  C  N N 164 
ILE CD1  C  N N 165 
ILE OXT  O  N N 166 
ILE H    H  N N 167 
ILE H2   H  N N 168 
ILE HA   H  N N 169 
ILE HB   H  N N 170 
ILE HG12 H  N N 171 
ILE HG13 H  N N 172 
ILE HG21 H  N N 173 
ILE HG22 H  N N 174 
ILE HG23 H  N N 175 
ILE HD11 H  N N 176 
ILE HD12 H  N N 177 
ILE HD13 H  N N 178 
ILE HXT  H  N N 179 
LEU N    N  N N 180 
LEU CA   C  N S 181 
LEU C    C  N N 182 
LEU O    O  N N 183 
LEU CB   C  N N 184 
LEU CG   C  N N 185 
LEU CD1  C  N N 186 
LEU CD2  C  N N 187 
LEU OXT  O  N N 188 
LEU H    H  N N 189 
LEU H2   H  N N 190 
LEU HA   H  N N 191 
LEU HB2  H  N N 192 
LEU HB3  H  N N 193 
LEU HG   H  N N 194 
LEU HD11 H  N N 195 
LEU HD12 H  N N 196 
LEU HD13 H  N N 197 
LEU HD21 H  N N 198 
LEU HD22 H  N N 199 
LEU HD23 H  N N 200 
LEU HXT  H  N N 201 
LYS N    N  N N 202 
LYS CA   C  N S 203 
LYS C    C  N N 204 
LYS O    O  N N 205 
LYS CB   C  N N 206 
LYS CG   C  N N 207 
LYS CD   C  N N 208 
LYS CE   C  N N 209 
LYS NZ   N  N N 210 
LYS OXT  O  N N 211 
LYS H    H  N N 212 
LYS H2   H  N N 213 
LYS HA   H  N N 214 
LYS HB2  H  N N 215 
LYS HB3  H  N N 216 
LYS HG2  H  N N 217 
LYS HG3  H  N N 218 
LYS HD2  H  N N 219 
LYS HD3  H  N N 220 
LYS HE2  H  N N 221 
LYS HE3  H  N N 222 
LYS HZ1  H  N N 223 
LYS HZ2  H  N N 224 
LYS HZ3  H  N N 225 
LYS HXT  H  N N 226 
MSE N    N  N N 227 
MSE CA   C  N S 228 
MSE C    C  N N 229 
MSE O    O  N N 230 
MSE OXT  O  N N 231 
MSE CB   C  N N 232 
MSE CG   C  N N 233 
MSE SE   SE N N 234 
MSE CE   C  N N 235 
MSE H    H  N N 236 
MSE H2   H  N N 237 
MSE HA   H  N N 238 
MSE HXT  H  N N 239 
MSE HB2  H  N N 240 
MSE HB3  H  N N 241 
MSE HG2  H  N N 242 
MSE HG3  H  N N 243 
MSE HE1  H  N N 244 
MSE HE2  H  N N 245 
MSE HE3  H  N N 246 
PHE N    N  N N 247 
PHE CA   C  N S 248 
PHE C    C  N N 249 
PHE O    O  N N 250 
PHE CB   C  N N 251 
PHE CG   C  Y N 252 
PHE CD1  C  Y N 253 
PHE CD2  C  Y N 254 
PHE CE1  C  Y N 255 
PHE CE2  C  Y N 256 
PHE CZ   C  Y N 257 
PHE OXT  O  N N 258 
PHE H    H  N N 259 
PHE H2   H  N N 260 
PHE HA   H  N N 261 
PHE HB2  H  N N 262 
PHE HB3  H  N N 263 
PHE HD1  H  N N 264 
PHE HD2  H  N N 265 
PHE HE1  H  N N 266 
PHE HE2  H  N N 267 
PHE HZ   H  N N 268 
PHE HXT  H  N N 269 
PRO N    N  N N 270 
PRO CA   C  N S 271 
PRO C    C  N N 272 
PRO O    O  N N 273 
PRO CB   C  N N 274 
PRO CG   C  N N 275 
PRO CD   C  N N 276 
PRO OXT  O  N N 277 
PRO H    H  N N 278 
PRO HA   H  N N 279 
PRO HB2  H  N N 280 
PRO HB3  H  N N 281 
PRO HG2  H  N N 282 
PRO HG3  H  N N 283 
PRO HD2  H  N N 284 
PRO HD3  H  N N 285 
PRO HXT  H  N N 286 
SER N    N  N N 287 
SER CA   C  N S 288 
SER C    C  N N 289 
SER O    O  N N 290 
SER CB   C  N N 291 
SER OG   O  N N 292 
SER OXT  O  N N 293 
SER H    H  N N 294 
SER H2   H  N N 295 
SER HA   H  N N 296 
SER HB2  H  N N 297 
SER HB3  H  N N 298 
SER HG   H  N N 299 
SER HXT  H  N N 300 
THR N    N  N N 301 
THR CA   C  N S 302 
THR C    C  N N 303 
THR O    O  N N 304 
THR CB   C  N R 305 
THR OG1  O  N N 306 
THR CG2  C  N N 307 
THR OXT  O  N N 308 
THR H    H  N N 309 
THR H2   H  N N 310 
THR HA   H  N N 311 
THR HB   H  N N 312 
THR HG1  H  N N 313 
THR HG21 H  N N 314 
THR HG22 H  N N 315 
THR HG23 H  N N 316 
THR HXT  H  N N 317 
TRP N    N  N N 318 
TRP CA   C  N S 319 
TRP C    C  N N 320 
TRP O    O  N N 321 
TRP CB   C  N N 322 
TRP CG   C  Y N 323 
TRP CD1  C  Y N 324 
TRP CD2  C  Y N 325 
TRP NE1  N  Y N 326 
TRP CE2  C  Y N 327 
TRP CE3  C  Y N 328 
TRP CZ2  C  Y N 329 
TRP CZ3  C  Y N 330 
TRP CH2  C  Y N 331 
TRP OXT  O  N N 332 
TRP H    H  N N 333 
TRP H2   H  N N 334 
TRP HA   H  N N 335 
TRP HB2  H  N N 336 
TRP HB3  H  N N 337 
TRP HD1  H  N N 338 
TRP HE1  H  N N 339 
TRP HE3  H  N N 340 
TRP HZ2  H  N N 341 
TRP HZ3  H  N N 342 
TRP HH2  H  N N 343 
TRP HXT  H  N N 344 
TYR N    N  N N 345 
TYR CA   C  N S 346 
TYR C    C  N N 347 
TYR O    O  N N 348 
TYR CB   C  N N 349 
TYR CG   C  Y N 350 
TYR CD1  C  Y N 351 
TYR CD2  C  Y N 352 
TYR CE1  C  Y N 353 
TYR CE2  C  Y N 354 
TYR CZ   C  Y N 355 
TYR OH   O  N N 356 
TYR OXT  O  N N 357 
TYR H    H  N N 358 
TYR H2   H  N N 359 
TYR HA   H  N N 360 
TYR HB2  H  N N 361 
TYR HB3  H  N N 362 
TYR HD1  H  N N 363 
TYR HD2  H  N N 364 
TYR HE1  H  N N 365 
TYR HE2  H  N N 366 
TYR HH   H  N N 367 
TYR HXT  H  N N 368 
VAL N    N  N N 369 
VAL CA   C  N S 370 
VAL C    C  N N 371 
VAL O    O  N N 372 
VAL CB   C  N N 373 
VAL CG1  C  N N 374 
VAL CG2  C  N N 375 
VAL OXT  O  N N 376 
VAL H    H  N N 377 
VAL H2   H  N N 378 
VAL HA   H  N N 379 
VAL HB   H  N N 380 
VAL HG11 H  N N 381 
VAL HG12 H  N N 382 
VAL HG13 H  N N 383 
VAL HG21 H  N N 384 
VAL HG22 H  N N 385 
VAL HG23 H  N N 386 
VAL HXT  H  N N 387 
# 
loop_
_chem_comp_bond.comp_id 
_chem_comp_bond.atom_id_1 
_chem_comp_bond.atom_id_2 
_chem_comp_bond.value_order 
_chem_comp_bond.pdbx_aromatic_flag 
_chem_comp_bond.pdbx_stereo_config 
_chem_comp_bond.pdbx_ordinal 
ALA N   CA   sing N N 1   
ALA N   H    sing N N 2   
ALA N   H2   sing N N 3   
ALA CA  C    sing N N 4   
ALA CA  CB   sing N N 5   
ALA CA  HA   sing N N 6   
ALA C   O    doub N N 7   
ALA C   OXT  sing N N 8   
ALA CB  HB1  sing N N 9   
ALA CB  HB2  sing N N 10  
ALA CB  HB3  sing N N 11  
ALA OXT HXT  sing N N 12  
ARG N   CA   sing N N 13  
ARG N   H    sing N N 14  
ARG N   H2   sing N N 15  
ARG CA  C    sing N N 16  
ARG CA  CB   sing N N 17  
ARG CA  HA   sing N N 18  
ARG C   O    doub N N 19  
ARG C   OXT  sing N N 20  
ARG CB  CG   sing N N 21  
ARG CB  HB2  sing N N 22  
ARG CB  HB3  sing N N 23  
ARG CG  CD   sing N N 24  
ARG CG  HG2  sing N N 25  
ARG CG  HG3  sing N N 26  
ARG CD  NE   sing N N 27  
ARG CD  HD2  sing N N 28  
ARG CD  HD3  sing N N 29  
ARG NE  CZ   sing N N 30  
ARG NE  HE   sing N N 31  
ARG CZ  NH1  sing N N 32  
ARG CZ  NH2  doub N N 33  
ARG NH1 HH11 sing N N 34  
ARG NH1 HH12 sing N N 35  
ARG NH2 HH21 sing N N 36  
ARG NH2 HH22 sing N N 37  
ARG OXT HXT  sing N N 38  
ASN N   CA   sing N N 39  
ASN N   H    sing N N 40  
ASN N   H2   sing N N 41  
ASN CA  C    sing N N 42  
ASN CA  CB   sing N N 43  
ASN CA  HA   sing N N 44  
ASN C   O    doub N N 45  
ASN C   OXT  sing N N 46  
ASN CB  CG   sing N N 47  
ASN CB  HB2  sing N N 48  
ASN CB  HB3  sing N N 49  
ASN CG  OD1  doub N N 50  
ASN CG  ND2  sing N N 51  
ASN ND2 HD21 sing N N 52  
ASN ND2 HD22 sing N N 53  
ASN OXT HXT  sing N N 54  
ASP N   CA   sing N N 55  
ASP N   H    sing N N 56  
ASP N   H2   sing N N 57  
ASP CA  C    sing N N 58  
ASP CA  CB   sing N N 59  
ASP CA  HA   sing N N 60  
ASP C   O    doub N N 61  
ASP C   OXT  sing N N 62  
ASP CB  CG   sing N N 63  
ASP CB  HB2  sing N N 64  
ASP CB  HB3  sing N N 65  
ASP CG  OD1  doub N N 66  
ASP CG  OD2  sing N N 67  
ASP OD2 HD2  sing N N 68  
ASP OXT HXT  sing N N 69  
CYS N   CA   sing N N 70  
CYS N   H    sing N N 71  
CYS N   H2   sing N N 72  
CYS CA  C    sing N N 73  
CYS CA  CB   sing N N 74  
CYS CA  HA   sing N N 75  
CYS C   O    doub N N 76  
CYS C   OXT  sing N N 77  
CYS CB  SG   sing N N 78  
CYS CB  HB2  sing N N 79  
CYS CB  HB3  sing N N 80  
CYS SG  HG   sing N N 81  
CYS OXT HXT  sing N N 82  
GLN N   CA   sing N N 83  
GLN N   H    sing N N 84  
GLN N   H2   sing N N 85  
GLN CA  C    sing N N 86  
GLN CA  CB   sing N N 87  
GLN CA  HA   sing N N 88  
GLN C   O    doub N N 89  
GLN C   OXT  sing N N 90  
GLN CB  CG   sing N N 91  
GLN CB  HB2  sing N N 92  
GLN CB  HB3  sing N N 93  
GLN CG  CD   sing N N 94  
GLN CG  HG2  sing N N 95  
GLN CG  HG3  sing N N 96  
GLN CD  OE1  doub N N 97  
GLN CD  NE2  sing N N 98  
GLN NE2 HE21 sing N N 99  
GLN NE2 HE22 sing N N 100 
GLN OXT HXT  sing N N 101 
GLU N   CA   sing N N 102 
GLU N   H    sing N N 103 
GLU N   H2   sing N N 104 
GLU CA  C    sing N N 105 
GLU CA  CB   sing N N 106 
GLU CA  HA   sing N N 107 
GLU C   O    doub N N 108 
GLU C   OXT  sing N N 109 
GLU CB  CG   sing N N 110 
GLU CB  HB2  sing N N 111 
GLU CB  HB3  sing N N 112 
GLU CG  CD   sing N N 113 
GLU CG  HG2  sing N N 114 
GLU CG  HG3  sing N N 115 
GLU CD  OE1  doub N N 116 
GLU CD  OE2  sing N N 117 
GLU OE2 HE2  sing N N 118 
GLU OXT HXT  sing N N 119 
GLY N   CA   sing N N 120 
GLY N   H    sing N N 121 
GLY N   H2   sing N N 122 
GLY CA  C    sing N N 123 
GLY CA  HA2  sing N N 124 
GLY CA  HA3  sing N N 125 
GLY C   O    doub N N 126 
GLY C   OXT  sing N N 127 
GLY OXT HXT  sing N N 128 
HIS N   CA   sing N N 129 
HIS N   H    sing N N 130 
HIS N   H2   sing N N 131 
HIS CA  C    sing N N 132 
HIS CA  CB   sing N N 133 
HIS CA  HA   sing N N 134 
HIS C   O    doub N N 135 
HIS C   OXT  sing N N 136 
HIS CB  CG   sing N N 137 
HIS CB  HB2  sing N N 138 
HIS CB  HB3  sing N N 139 
HIS CG  ND1  sing Y N 140 
HIS CG  CD2  doub Y N 141 
HIS ND1 CE1  doub Y N 142 
HIS ND1 HD1  sing N N 143 
HIS CD2 NE2  sing Y N 144 
HIS CD2 HD2  sing N N 145 
HIS CE1 NE2  sing Y N 146 
HIS CE1 HE1  sing N N 147 
HIS NE2 HE2  sing N N 148 
HIS OXT HXT  sing N N 149 
ILE N   CA   sing N N 150 
ILE N   H    sing N N 151 
ILE N   H2   sing N N 152 
ILE CA  C    sing N N 153 
ILE CA  CB   sing N N 154 
ILE CA  HA   sing N N 155 
ILE C   O    doub N N 156 
ILE C   OXT  sing N N 157 
ILE CB  CG1  sing N N 158 
ILE CB  CG2  sing N N 159 
ILE CB  HB   sing N N 160 
ILE CG1 CD1  sing N N 161 
ILE CG1 HG12 sing N N 162 
ILE CG1 HG13 sing N N 163 
ILE CG2 HG21 sing N N 164 
ILE CG2 HG22 sing N N 165 
ILE CG2 HG23 sing N N 166 
ILE CD1 HD11 sing N N 167 
ILE CD1 HD12 sing N N 168 
ILE CD1 HD13 sing N N 169 
ILE OXT HXT  sing N N 170 
LEU N   CA   sing N N 171 
LEU N   H    sing N N 172 
LEU N   H2   sing N N 173 
LEU CA  C    sing N N 174 
LEU CA  CB   sing N N 175 
LEU CA  HA   sing N N 176 
LEU C   O    doub N N 177 
LEU C   OXT  sing N N 178 
LEU CB  CG   sing N N 179 
LEU CB  HB2  sing N N 180 
LEU CB  HB3  sing N N 181 
LEU CG  CD1  sing N N 182 
LEU CG  CD2  sing N N 183 
LEU CG  HG   sing N N 184 
LEU CD1 HD11 sing N N 185 
LEU CD1 HD12 sing N N 186 
LEU CD1 HD13 sing N N 187 
LEU CD2 HD21 sing N N 188 
LEU CD2 HD22 sing N N 189 
LEU CD2 HD23 sing N N 190 
LEU OXT HXT  sing N N 191 
LYS N   CA   sing N N 192 
LYS N   H    sing N N 193 
LYS N   H2   sing N N 194 
LYS CA  C    sing N N 195 
LYS CA  CB   sing N N 196 
LYS CA  HA   sing N N 197 
LYS C   O    doub N N 198 
LYS C   OXT  sing N N 199 
LYS CB  CG   sing N N 200 
LYS CB  HB2  sing N N 201 
LYS CB  HB3  sing N N 202 
LYS CG  CD   sing N N 203 
LYS CG  HG2  sing N N 204 
LYS CG  HG3  sing N N 205 
LYS CD  CE   sing N N 206 
LYS CD  HD2  sing N N 207 
LYS CD  HD3  sing N N 208 
LYS CE  NZ   sing N N 209 
LYS CE  HE2  sing N N 210 
LYS CE  HE3  sing N N 211 
LYS NZ  HZ1  sing N N 212 
LYS NZ  HZ2  sing N N 213 
LYS NZ  HZ3  sing N N 214 
LYS OXT HXT  sing N N 215 
MSE N   CA   sing N N 216 
MSE N   H    sing N N 217 
MSE N   H2   sing N N 218 
MSE CA  C    sing N N 219 
MSE CA  CB   sing N N 220 
MSE CA  HA   sing N N 221 
MSE C   O    doub N N 222 
MSE C   OXT  sing N N 223 
MSE OXT HXT  sing N N 224 
MSE CB  CG   sing N N 225 
MSE CB  HB2  sing N N 226 
MSE CB  HB3  sing N N 227 
MSE CG  SE   sing N N 228 
MSE CG  HG2  sing N N 229 
MSE CG  HG3  sing N N 230 
MSE SE  CE   sing N N 231 
MSE CE  HE1  sing N N 232 
MSE CE  HE2  sing N N 233 
MSE CE  HE3  sing N N 234 
PHE N   CA   sing N N 235 
PHE N   H    sing N N 236 
PHE N   H2   sing N N 237 
PHE CA  C    sing N N 238 
PHE CA  CB   sing N N 239 
PHE CA  HA   sing N N 240 
PHE C   O    doub N N 241 
PHE C   OXT  sing N N 242 
PHE CB  CG   sing N N 243 
PHE CB  HB2  sing N N 244 
PHE CB  HB3  sing N N 245 
PHE CG  CD1  doub Y N 246 
PHE CG  CD2  sing Y N 247 
PHE CD1 CE1  sing Y N 248 
PHE CD1 HD1  sing N N 249 
PHE CD2 CE2  doub Y N 250 
PHE CD2 HD2  sing N N 251 
PHE CE1 CZ   doub Y N 252 
PHE CE1 HE1  sing N N 253 
PHE CE2 CZ   sing Y N 254 
PHE CE2 HE2  sing N N 255 
PHE CZ  HZ   sing N N 256 
PHE OXT HXT  sing N N 257 
PRO N   CA   sing N N 258 
PRO N   CD   sing N N 259 
PRO N   H    sing N N 260 
PRO CA  C    sing N N 261 
PRO CA  CB   sing N N 262 
PRO CA  HA   sing N N 263 
PRO C   O    doub N N 264 
PRO C   OXT  sing N N 265 
PRO CB  CG   sing N N 266 
PRO CB  HB2  sing N N 267 
PRO CB  HB3  sing N N 268 
PRO CG  CD   sing N N 269 
PRO CG  HG2  sing N N 270 
PRO CG  HG3  sing N N 271 
PRO CD  HD2  sing N N 272 
PRO CD  HD3  sing N N 273 
PRO OXT HXT  sing N N 274 
SER N   CA   sing N N 275 
SER N   H    sing N N 276 
SER N   H2   sing N N 277 
SER CA  C    sing N N 278 
SER CA  CB   sing N N 279 
SER CA  HA   sing N N 280 
SER C   O    doub N N 281 
SER C   OXT  sing N N 282 
SER CB  OG   sing N N 283 
SER CB  HB2  sing N N 284 
SER CB  HB3  sing N N 285 
SER OG  HG   sing N N 286 
SER OXT HXT  sing N N 287 
THR N   CA   sing N N 288 
THR N   H    sing N N 289 
THR N   H2   sing N N 290 
THR CA  C    sing N N 291 
THR CA  CB   sing N N 292 
THR CA  HA   sing N N 293 
THR C   O    doub N N 294 
THR C   OXT  sing N N 295 
THR CB  OG1  sing N N 296 
THR CB  CG2  sing N N 297 
THR CB  HB   sing N N 298 
THR OG1 HG1  sing N N 299 
THR CG2 HG21 sing N N 300 
THR CG2 HG22 sing N N 301 
THR CG2 HG23 sing N N 302 
THR OXT HXT  sing N N 303 
TRP N   CA   sing N N 304 
TRP N   H    sing N N 305 
TRP N   H2   sing N N 306 
TRP CA  C    sing N N 307 
TRP CA  CB   sing N N 308 
TRP CA  HA   sing N N 309 
TRP C   O    doub N N 310 
TRP C   OXT  sing N N 311 
TRP CB  CG   sing N N 312 
TRP CB  HB2  sing N N 313 
TRP CB  HB3  sing N N 314 
TRP CG  CD1  doub Y N 315 
TRP CG  CD2  sing Y N 316 
TRP CD1 NE1  sing Y N 317 
TRP CD1 HD1  sing N N 318 
TRP CD2 CE2  doub Y N 319 
TRP CD2 CE3  sing Y N 320 
TRP NE1 CE2  sing Y N 321 
TRP NE1 HE1  sing N N 322 
TRP CE2 CZ2  sing Y N 323 
TRP CE3 CZ3  doub Y N 324 
TRP CE3 HE3  sing N N 325 
TRP CZ2 CH2  doub Y N 326 
TRP CZ2 HZ2  sing N N 327 
TRP CZ3 CH2  sing Y N 328 
TRP CZ3 HZ3  sing N N 329 
TRP CH2 HH2  sing N N 330 
TRP OXT HXT  sing N N 331 
TYR N   CA   sing N N 332 
TYR N   H    sing N N 333 
TYR N   H2   sing N N 334 
TYR CA  C    sing N N 335 
TYR CA  CB   sing N N 336 
TYR CA  HA   sing N N 337 
TYR C   O    doub N N 338 
TYR C   OXT  sing N N 339 
TYR CB  CG   sing N N 340 
TYR CB  HB2  sing N N 341 
TYR CB  HB3  sing N N 342 
TYR CG  CD1  doub Y N 343 
TYR CG  CD2  sing Y N 344 
TYR CD1 CE1  sing Y N 345 
TYR CD1 HD1  sing N N 346 
TYR CD2 CE2  doub Y N 347 
TYR CD2 HD2  sing N N 348 
TYR CE1 CZ   doub Y N 349 
TYR CE1 HE1  sing N N 350 
TYR CE2 CZ   sing Y N 351 
TYR CE2 HE2  sing N N 352 
TYR CZ  OH   sing N N 353 
TYR OH  HH   sing N N 354 
TYR OXT HXT  sing N N 355 
VAL N   CA   sing N N 356 
VAL N   H    sing N N 357 
VAL N   H2   sing N N 358 
VAL CA  C    sing N N 359 
VAL CA  CB   sing N N 360 
VAL CA  HA   sing N N 361 
VAL C   O    doub N N 362 
VAL C   OXT  sing N N 363 
VAL CB  CG1  sing N N 364 
VAL CB  CG2  sing N N 365 
VAL CB  HB   sing N N 366 
VAL CG1 HG11 sing N N 367 
VAL CG1 HG12 sing N N 368 
VAL CG1 HG13 sing N N 369 
VAL CG2 HG21 sing N N 370 
VAL CG2 HG22 sing N N 371 
VAL CG2 HG23 sing N N 372 
VAL OXT HXT  sing N N 373 
# 
_atom_sites.entry_id                    3KAT 
_atom_sites.fract_transf_matrix[1][1]   -0.02202217 
_atom_sites.fract_transf_matrix[1][2]   0.00891476 
_atom_sites.fract_transf_matrix[1][3]   -0.00624422 
_atom_sites.fract_transf_matrix[2][1]   0.01056344 
_atom_sites.fract_transf_matrix[2][2]   0.01411063 
_atom_sites.fract_transf_matrix[2][3]   -0.01710974 
_atom_sites.fract_transf_matrix[3][1]   -0.00066550 
_atom_sites.fract_transf_matrix[3][2]   -0.00457400 
_atom_sites.fract_transf_matrix[3][3]   -0.00418311 
_atom_sites.fract_transf_vector[1]      1.081800 
_atom_sites.fract_transf_vector[2]      1.012046 
_atom_sites.fract_transf_vector[3]      0.100224 
# 
loop_
_atom_type.symbol 
C  
N  
O  
S  
SE 
# 
loop_
_atom_site.group_PDB 
_atom_site.id 
_atom_site.type_symbol 
_atom_site.label_atom_id 
_atom_site.label_alt_id 
_atom_site.label_comp_id 
_atom_site.label_asym_id 
_atom_site.label_entity_id 
_atom_site.label_seq_id 
_atom_site.pdbx_PDB_ins_code 
_atom_site.Cartn_x 
_atom_site.Cartn_y 
_atom_site.Cartn_z 
_atom_site.occupancy 
_atom_site.B_iso_or_equiv 
_atom_site.pdbx_formal_charge 
_atom_site.auth_seq_id 
_atom_site.auth_comp_id 
_atom_site.auth_asym_id 
_atom_site.auth_atom_id 
_atom_site.pdbx_PDB_model_num 
ATOM   1   N  N   . LEU A 1 19  ? 9.222   -1.172  4.830   1.00 45.29  ? 1379 LEU A N   1 
ATOM   2   C  CA  . LEU A 1 19  ? 9.472   -0.896  6.265   1.00 57.83  ? 1379 LEU A CA  1 
ATOM   3   C  C   . LEU A 1 19  ? 8.434   -1.704  7.031   1.00 61.31  ? 1379 LEU A C   1 
ATOM   4   O  O   . LEU A 1 19  ? 7.279   -1.775  6.613   1.00 60.74  ? 1379 LEU A O   1 
ATOM   5   C  CB  . LEU A 1 19  ? 9.304   0.610   6.542   1.00 66.39  ? 1379 LEU A CB  1 
ATOM   6   C  CG  . LEU A 1 19  ? 9.976   1.335   7.739   1.00 67.52  ? 1379 LEU A CG  1 
ATOM   7   C  CD1 . LEU A 1 19  ? 9.770   2.857   7.622   1.00 43.64  ? 1379 LEU A CD1 1 
ATOM   8   C  CD2 . LEU A 1 19  ? 9.413   0.828   9.057   1.00 51.09  ? 1379 LEU A CD2 1 
ATOM   9   N  N   . HIS A 1 20  ? 8.860   -2.317  8.134   1.00 63.26  ? 1380 HIS A N   1 
ATOM   10  C  CA  . HIS A 1 20  ? 8.001   -3.134  8.990   1.00 58.92  ? 1380 HIS A CA  1 
ATOM   11  C  C   . HIS A 1 20  ? 6.781   -2.318  9.431   1.00 59.36  ? 1380 HIS A C   1 
ATOM   12  O  O   . HIS A 1 20  ? 5.895   -2.825  10.118  1.00 63.46  ? 1380 HIS A O   1 
ATOM   13  C  CB  . HIS A 1 20  ? 8.801   -3.607  10.219  1.00 64.77  ? 1380 HIS A CB  1 
ATOM   14  C  CG  . HIS A 1 20  ? 8.103   -4.636  11.066  1.00 78.69  ? 1380 HIS A CG  1 
ATOM   15  N  ND1 . HIS A 1 20  ? 8.576   -5.017  12.304  1.00 81.24  ? 1380 HIS A ND1 1 
ATOM   16  C  CD2 . HIS A 1 20  ? 6.983   -5.370  10.853  1.00 85.56  ? 1380 HIS A CD2 1 
ATOM   17  C  CE1 . HIS A 1 20  ? 7.778   -5.939  12.818  1.00 79.37  ? 1380 HIS A CE1 1 
ATOM   18  N  NE2 . HIS A 1 20  ? 6.804   -6.171  11.958  1.00 75.21  ? 1380 HIS A NE2 1 
ATOM   19  N  N   . PHE A 1 21  ? 6.733   -1.052  9.035   1.00 53.77  ? 1381 PHE A N   1 
ATOM   20  C  CA  . PHE A 1 21  ? 5.612   -0.195  9.393   1.00 55.03  ? 1381 PHE A CA  1 
ATOM   21  C  C   . PHE A 1 21  ? 4.326   -0.605  8.669   1.00 54.62  ? 1381 PHE A C   1 
ATOM   22  O  O   . PHE A 1 21  ? 3.249   -0.620  9.265   1.00 48.36  ? 1381 PHE A O   1 
ATOM   23  C  CB  . PHE A 1 21  ? 5.959   1.266   9.085   1.00 58.21  ? 1381 PHE A CB  1 
ATOM   24  C  CG  . PHE A 1 21  ? 4.797   2.207   9.227   1.00 52.43  ? 1381 PHE A CG  1 
ATOM   25  C  CD1 . PHE A 1 21  ? 3.895   2.380   8.188   1.00 51.14  ? 1381 PHE A CD1 1 
ATOM   26  C  CD2 . PHE A 1 21  ? 4.597   2.907   10.405  1.00 48.94  ? 1381 PHE A CD2 1 
ATOM   27  C  CE1 . PHE A 1 21  ? 2.816   3.231   8.319   1.00 55.99  ? 1381 PHE A CE1 1 
ATOM   28  C  CE2 . PHE A 1 21  ? 3.517   3.761   10.544  1.00 58.31  ? 1381 PHE A CE2 1 
ATOM   29  C  CZ  . PHE A 1 21  ? 2.625   3.924   9.498   1.00 60.77  ? 1381 PHE A CZ  1 
ATOM   30  N  N   . VAL A 1 22  ? 4.449   -0.920  7.383   1.00 52.87  ? 1382 VAL A N   1 
ATOM   31  C  CA  . VAL A 1 22  ? 3.317   -1.342  6.577   1.00 50.35  ? 1382 VAL A CA  1 
ATOM   32  C  C   . VAL A 1 22  ? 2.916   -2.731  7.052   1.00 56.59  ? 1382 VAL A C   1 
ATOM   33  O  O   . VAL A 1 22  ? 1.738   -3.098  7.060   1.00 59.57  ? 1382 VAL A O   1 
ATOM   34  C  CB  . VAL A 1 22  ? 3.695   -1.416  5.091   1.00 44.25  ? 1382 VAL A CB  1 
ATOM   35  C  CG1 . VAL A 1 22  ? 4.189   -0.069  4.624   1.00 38.36  ? 1382 VAL A CG1 1 
ATOM   36  C  CG2 . VAL A 1 22  ? 4.754   -2.473  4.881   1.00 41.81  ? 1382 VAL A CG2 1 
ATOM   37  N  N   . ASP A 1 23  ? 3.916   -3.505  7.452   1.00 60.59  ? 1383 ASP A N   1 
ATOM   38  C  CA  . ASP A 1 23  ? 3.677   -4.853  7.936   1.00 61.90  ? 1383 ASP A CA  1 
ATOM   39  C  C   . ASP A 1 23  ? 2.963   -4.835  9.274   1.00 60.87  ? 1383 ASP A C   1 
ATOM   40  O  O   . ASP A 1 23  ? 1.965   -5.521  9.460   1.00 68.78  ? 1383 ASP A O   1 
ATOM   41  C  CB  . ASP A 1 23  ? 4.997   -5.609  8.031   1.00 53.16  ? 1383 ASP A CB  1 
ATOM   42  C  CG  . ASP A 1 23  ? 5.391   -6.211  6.712   1.00 56.29  ? 1383 ASP A CG  1 
ATOM   43  O  OD1 . ASP A 1 23  ? 6.582   -6.513  6.517   1.00 57.15  ? 1383 ASP A OD1 1 
ATOM   44  O  OD2 . ASP A 1 23  ? 4.489   -6.393  5.866   1.00 59.67  ? 1383 ASP A OD2 1 
ATOM   45  N  N   . GLN A 1 24  ? 3.459   -4.038  10.205  1.00 51.42  ? 1384 GLN A N   1 
ATOM   46  C  CA  . GLN A 1 24  ? 2.817   -3.970  11.496  1.00 49.73  ? 1384 GLN A CA  1 
ATOM   47  C  C   . GLN A 1 24  ? 1.404   -3.410  11.414  1.00 47.03  ? 1384 GLN A C   1 
ATOM   48  O  O   . GLN A 1 24  ? 0.440   -4.103  11.724  1.00 51.21  ? 1384 GLN A O   1 
ATOM   49  C  CB  . GLN A 1 24  ? 3.650   -3.133  12.436  1.00 47.88  ? 1384 GLN A CB  1 
ATOM   50  C  CG  . GLN A 1 24  ? 2.996   -2.867  13.740  1.00 39.56  ? 1384 GLN A CG  1 
ATOM   51  C  CD  . GLN A 1 24  ? 4.017   -2.622  14.789  1.00 61.01  ? 1384 GLN A CD  1 
ATOM   52  O  OE1 . GLN A 1 24  ? 3.726   -2.035  15.820  1.00 77.64  ? 1384 GLN A OE1 1 
ATOM   53  N  NE2 . GLN A 1 24  ? 5.241   -3.082  14.543  1.00 66.81  ? 1384 GLN A NE2 1 
ATOM   54  N  N   . TYR A 1 25  ? 1.274   -2.154  10.998  1.00 51.32  ? 1385 TYR A N   1 
ATOM   55  C  CA  . TYR A 1 25  ? -0.049  -1.539  10.887  1.00 55.72  ? 1385 TYR A CA  1 
ATOM   56  C  C   . TYR A 1 25  ? -0.725  -1.944  9.587   1.00 56.46  ? 1385 TYR A C   1 
ATOM   57  O  O   . TYR A 1 25  ? -1.466  -1.166  8.987   1.00 44.73  ? 1385 TYR A O   1 
ATOM   58  C  CB  . TYR A 1 25  ? 0.061   -0.018  10.964  1.00 54.98  ? 1385 TYR A CB  1 
ATOM   59  C  CG  . TYR A 1 25  ? 0.730   0.453   12.223  1.00 58.22  ? 1385 TYR A CG  1 
ATOM   60  C  CD1 . TYR A 1 25  ? 2.115   0.462   12.331  1.00 62.00  ? 1385 TYR A CD1 1 
ATOM   61  C  CD2 . TYR A 1 25  ? -0.024  0.847   13.329  1.00 65.40  ? 1385 TYR A CD2 1 
ATOM   62  C  CE1 . TYR A 1 25  ? 2.739   0.850   13.508  1.00 71.95  ? 1385 TYR A CE1 1 
ATOM   63  C  CE2 . TYR A 1 25  ? 0.589   1.236   14.515  1.00 70.78  ? 1385 TYR A CE2 1 
ATOM   64  C  CZ  . TYR A 1 25  ? 1.974   1.235   14.597  1.00 72.35  ? 1385 TYR A CZ  1 
ATOM   65  O  OH  . TYR A 1 25  ? 2.593   1.613   15.766  1.00 76.56  ? 1385 TYR A OH  1 
ATOM   66  N  N   . ARG A 1 26  ? -0.467  -3.184  9.179   1.00 56.45  ? 1386 ARG A N   1 
ATOM   67  C  CA  . ARG A 1 26  ? -1.012  -3.753  7.952   1.00 55.52  ? 1386 ARG A CA  1 
ATOM   68  C  C   . ARG A 1 26  ? -2.539  -3.737  7.838   1.00 58.99  ? 1386 ARG A C   1 
ATOM   69  O  O   . ARG A 1 26  ? -3.085  -2.958  7.065   1.00 62.23  ? 1386 ARG A O   1 
ATOM   70  C  CB  . ARG A 1 26  ? -0.476  -5.176  7.780   1.00 47.49  ? 1386 ARG A CB  1 
ATOM   71  C  CG  . ARG A 1 26  ? -1.060  -5.956  6.631   1.00 43.11  ? 1386 ARG A CG  1 
ATOM   72  C  CD  . ARG A 1 26  ? -0.281  -7.243  6.400   1.00 62.80  ? 1386 ARG A CD  1 
ATOM   73  N  NE  . ARG A 1 26  ? -1.069  -8.224  5.661   1.00 77.20  ? 1386 ARG A NE  1 
ATOM   74  C  CZ  . ARG A 1 26  ? -2.228  -8.723  6.087   1.00 95.21  ? 1386 ARG A CZ  1 
ATOM   75  N  NH1 . ARG A 1 26  ? -2.888  -9.611  5.345   1.00 93.99  ? 1386 ARG A NH1 1 
ATOM   76  N  NH2 . ARG A 1 26  ? -2.729  -8.339  7.260   1.00 99.84  ? 1386 ARG A NH2 1 
ATOM   77  N  N   . GLU A 1 27  ? -3.237  -4.571  8.600   1.00 65.38  ? 1387 GLU A N   1 
ATOM   78  C  CA  . GLU A 1 27  ? -4.694  -4.596  8.498   1.00 70.57  ? 1387 GLU A CA  1 
ATOM   79  C  C   . GLU A 1 27  ? -5.369  -3.251  8.768   1.00 63.87  ? 1387 GLU A C   1 
ATOM   80  O  O   . GLU A 1 27  ? -6.534  -3.059  8.421   1.00 61.25  ? 1387 GLU A O   1 
ATOM   81  C  CB  . GLU A 1 27  ? -5.281  -5.673  9.411   1.00 80.09  ? 1387 GLU A CB  1 
ATOM   82  C  CG  . GLU A 1 27  ? -4.812  -5.590  10.846  1.00 92.77  ? 1387 GLU A CG  1 
ATOM   83  C  CD  . GLU A 1 27  ? -5.526  -6.586  11.747  1.00 101.36 ? 1387 GLU A CD  1 
ATOM   84  O  OE1 . GLU A 1 27  ? -6.775  -6.514  11.846  1.00 106.29 ? 1387 GLU A OE1 1 
ATOM   85  O  OE2 . GLU A 1 27  ? -4.837  -7.438  12.359  1.00 101.58 ? 1387 GLU A OE2 1 
ATOM   86  N  N   . GLN A 1 28  ? -4.650  -2.317  9.377   1.00 57.28  ? 1388 GLN A N   1 
ATOM   87  C  CA  . GLN A 1 28  ? -5.232  -1.006  9.635   1.00 53.15  ? 1388 GLN A CA  1 
ATOM   88  C  C   . GLN A 1 28  ? -5.204  -0.188  8.347   1.00 50.29  ? 1388 GLN A C   1 
ATOM   89  O  O   . GLN A 1 28  ? -6.045  0.680   8.129   1.00 45.77  ? 1388 GLN A O   1 
ATOM   90  C  CB  . GLN A 1 28  ? -4.466  -0.262  10.737  1.00 54.26  ? 1388 GLN A CB  1 
ATOM   91  C  CG  . GLN A 1 28  ? -4.670  -0.824  12.137  1.00 62.36  ? 1388 GLN A CG  1 
ATOM   92  C  CD  . GLN A 1 28  ? -3.591  -1.819  12.551  1.00 70.97  ? 1388 GLN A CD  1 
ATOM   93  O  OE1 . GLN A 1 28  ? -3.225  -2.724  11.785  1.00 66.87  ? 1388 GLN A OE1 1 
ATOM   94  N  NE2 . GLN A 1 28  ? -3.085  -1.663  13.777  1.00 66.79  ? 1388 GLN A NE2 1 
ATOM   95  N  N   . LEU A 1 29  ? -4.234  -0.471  7.487   1.00 47.14  ? 1389 LEU A N   1 
ATOM   96  C  CA  . LEU A 1 29  ? -4.118  0.249   6.226   1.00 41.83  ? 1389 LEU A CA  1 
ATOM   97  C  C   . LEU A 1 29  ? -5.136  -0.293  5.248   1.00 44.00  ? 1389 LEU A C   1 
ATOM   98  O  O   . LEU A 1 29  ? -5.692  0.441   4.438   1.00 52.25  ? 1389 LEU A O   1 
ATOM   99  C  CB  . LEU A 1 29  ? -2.723  0.077   5.637   1.00 38.01  ? 1389 LEU A CB  1 
ATOM   100 C  CG  . LEU A 1 29  ? -1.544  0.547   6.482   1.00 31.99  ? 1389 LEU A CG  1 
ATOM   101 C  CD1 . LEU A 1 29  ? -0.281  0.049   5.843   1.00 22.42  ? 1389 LEU A CD1 1 
ATOM   102 C  CD2 . LEU A 1 29  ? -1.548  2.056   6.616   1.00 18.40  ? 1389 LEU A CD2 1 
ATOM   103 N  N   . ILE A 1 30  ? -5.368  -1.594  5.313   1.00 43.09  ? 1390 ILE A N   1 
ATOM   104 C  CA  . ILE A 1 30  ? -6.325  -2.216  4.425   1.00 44.84  ? 1390 ILE A CA  1 
ATOM   105 C  C   . ILE A 1 30  ? -7.673  -1.522  4.571   1.00 51.71  ? 1390 ILE A C   1 
ATOM   106 O  O   . ILE A 1 30  ? -8.408  -1.386  3.600   1.00 60.78  ? 1390 ILE A O   1 
ATOM   107 C  CB  . ILE A 1 30  ? -6.472  -3.722  4.743   1.00 34.32  ? 1390 ILE A CB  1 
ATOM   108 C  CG1 . ILE A 1 30  ? -5.169  -4.449  4.423   1.00 29.09  ? 1390 ILE A CG1 1 
ATOM   109 C  CG2 . ILE A 1 30  ? -7.589  -4.320  3.937   1.00 34.25  ? 1390 ILE A CG2 1 
ATOM   110 C  CD1 . ILE A 1 30  ? -5.214  -5.914  4.701   1.00 13.01  ? 1390 ILE A CD1 1 
ATOM   111 N  N   . ALA A 1 31  ? -7.988  -1.050  5.772   1.00 48.49  ? 1391 ALA A N   1 
ATOM   112 C  CA  . ALA A 1 31  ? -9.271  -0.403  5.996   1.00 44.24  ? 1391 ALA A CA  1 
ATOM   113 C  C   . ALA A 1 31  ? -9.233  1.100   6.164   1.00 47.05  ? 1391 ALA A C   1 
ATOM   114 O  O   . ALA A 1 31  ? -10.182 1.676   6.676   1.00 50.01  ? 1391 ALA A O   1 
ATOM   115 C  CB  . ALA A 1 31  ? -9.930  -1.013  7.195   1.00 41.83  ? 1391 ALA A CB  1 
ATOM   116 N  N   . ARG A 1 32  ? -8.165  1.753   5.737   1.00 48.63  ? 1392 ARG A N   1 
ATOM   117 C  CA  . ARG A 1 32  ? -8.115  3.194   5.906   1.00 50.31  ? 1392 ARG A CA  1 
ATOM   118 C  C   . ARG A 1 32  ? -7.454  3.940   4.759   1.00 47.31  ? 1392 ARG A C   1 
ATOM   119 O  O   . ARG A 1 32  ? -7.649  5.144   4.604   1.00 48.57  ? 1392 ARG A O   1 
ATOM   120 C  CB  . ARG A 1 32  ? -7.415  3.540   7.218   1.00 56.21  ? 1392 ARG A CB  1 
ATOM   121 C  CG  . ARG A 1 32  ? -8.247  3.302   8.457   1.00 56.52  ? 1392 ARG A CG  1 
ATOM   122 C  CD  . ARG A 1 32  ? -7.603  3.962   9.662   1.00 70.43  ? 1392 ARG A CD  1 
ATOM   123 N  NE  . ARG A 1 32  ? -8.367  3.728   10.879  1.00 89.84  ? 1392 ARG A NE  1 
ATOM   124 C  CZ  . ARG A 1 32  ? -9.655  4.033   11.023  1.00 98.30  ? 1392 ARG A CZ  1 
ATOM   125 N  NH1 . ARG A 1 32  ? -10.288 3.784   12.175  1.00 96.71  ? 1392 ARG A NH1 1 
ATOM   126 N  NH2 . ARG A 1 32  ? -10.312 4.595   10.014  1.00 97.20  ? 1392 ARG A NH2 1 
ATOM   127 N  N   . VAL A 1 33  ? -6.667  3.233   3.959   1.00 41.82  ? 1393 VAL A N   1 
ATOM   128 C  CA  . VAL A 1 33  ? -6.005  3.848   2.816   1.00 40.20  ? 1393 VAL A CA  1 
ATOM   129 C  C   . VAL A 1 33  ? -7.105  4.227   1.828   1.00 46.28  ? 1393 VAL A C   1 
ATOM   130 O  O   . VAL A 1 33  ? -7.798  3.366   1.292   1.00 48.06  ? 1393 VAL A O   1 
ATOM   131 C  CB  . VAL A 1 33  ? -5.024  2.864   2.146   1.00 40.57  ? 1393 VAL A CB  1 
ATOM   132 C  CG1 . VAL A 1 33  ? -4.460  3.469   0.875   1.00 41.79  ? 1393 VAL A CG1 1 
ATOM   133 C  CG2 . VAL A 1 33  ? -3.902  2.507   3.109   1.00 38.36  ? 1393 VAL A CG2 1 
ATOM   134 N  N   . THR A 1 34  ? -7.255  5.521   1.582   1.00 48.18  ? 1394 THR A N   1 
ATOM   135 C  CA  . THR A 1 34  ? -8.304  5.993   0.694   1.00 54.07  ? 1394 THR A CA  1 
ATOM   136 C  C   . THR A 1 34  ? -7.969  6.161   -0.787  1.00 58.00  ? 1394 THR A C   1 
ATOM   137 O  O   . THR A 1 34  ? -8.664  5.617   -1.654  1.00 59.90  ? 1394 THR A O   1 
ATOM   138 C  CB  . THR A 1 34  ? -8.863  7.316   1.186   1.00 56.08  ? 1394 THR A CB  1 
ATOM   139 O  OG1 . THR A 1 34  ? -7.774  8.171   1.549   1.00 66.74  ? 1394 THR A OG1 1 
ATOM   140 C  CG2 . THR A 1 34  ? -9.779  7.097   2.368   1.00 34.63  ? 1394 THR A CG2 1 
ATOM   141 N  N   . SER A 1 35  ? -6.935  6.921   -1.111  1.00 51.15  ? 1395 SER A N   1 
ATOM   142 C  CA  . SER A 1 35  ? -6.637  7.087   -2.529  1.00 48.98  ? 1395 SER A CA  1 
ATOM   143 C  C   . SER A 1 35  ? -5.847  5.915   -3.086  1.00 44.12  ? 1395 SER A C   1 
ATOM   144 O  O   . SER A 1 35  ? -4.797  6.089   -3.691  1.00 38.22  ? 1395 SER A O   1 
ATOM   145 C  CB  . SER A 1 35  ? -5.890  8.393   -2.758  1.00 43.91  ? 1395 SER A CB  1 
ATOM   146 O  OG  . SER A 1 35  ? -6.671  9.480   -2.309  1.00 52.54  ? 1395 SER A OG  1 
ATOM   147 N  N   . VAL A 1 36  ? -6.376  4.717   -2.888  1.00 42.05  ? 1396 VAL A N   1 
ATOM   148 C  CA  . VAL A 1 36  ? -5.740  3.498   -3.357  1.00 40.44  ? 1396 VAL A CA  1 
ATOM   149 C  C   . VAL A 1 36  ? -5.243  3.622   -4.794  1.00 39.71  ? 1396 VAL A C   1 
ATOM   150 O  O   . VAL A 1 36  ? -4.127  3.232   -5.098  1.00 37.73  ? 1396 VAL A O   1 
ATOM   151 C  CB  . VAL A 1 36  ? -6.734  2.302   -3.251  1.00 43.08  ? 1396 VAL A CB  1 
ATOM   152 C  CG1 . VAL A 1 36  ? -6.140  1.046   -3.861  1.00 31.86  ? 1396 VAL A CG1 1 
ATOM   153 C  CG2 . VAL A 1 36  ? -7.103  2.062   -1.789  1.00 34.39  ? 1396 VAL A CG2 1 
ATOM   154 N  N   . GLU A 1 37  ? -6.076  4.170   -5.672  1.00 44.29  ? 1397 GLU A N   1 
ATOM   155 C  CA  . GLU A 1 37  ? -5.736  4.332   -7.085  1.00 45.27  ? 1397 GLU A CA  1 
ATOM   156 C  C   . GLU A 1 37  ? -4.415  5.046   -7.242  1.00 40.69  ? 1397 GLU A C   1 
ATOM   157 O  O   . GLU A 1 37  ? -3.449  4.488   -7.751  1.00 34.26  ? 1397 GLU A O   1 
ATOM   158 C  CB  . GLU A 1 37  ? -6.827  5.131   -7.784  1.00 47.45  ? 1397 GLU A CB  1 
ATOM   159 C  CG  . GLU A 1 37  ? -8.206  4.891   -7.187  1.00 74.34  ? 1397 GLU A CG  1 
ATOM   160 C  CD  . GLU A 1 37  ? -9.314  4.869   -8.231  1.00 90.17  ? 1397 GLU A CD  1 
ATOM   161 O  OE1 . GLU A 1 37  ? -9.354  3.912   -9.052  1.00 94.21  ? 1397 GLU A OE1 1 
ATOM   162 O  OE2 . GLU A 1 37  ? -10.151 5.806   -8.224  1.00 101.92 ? 1397 GLU A OE2 1 
ATOM   163 N  N   . VAL A 1 38  ? -4.387  6.290   -6.789  1.00 42.26  ? 1398 VAL A N   1 
ATOM   164 C  CA  . VAL A 1 38  ? -3.200  7.113   -6.875  1.00 36.54  ? 1398 VAL A CA  1 
ATOM   165 C  C   . VAL A 1 38  ? -2.039  6.610   -6.026  1.00 35.01  ? 1398 VAL A C   1 
ATOM   166 O  O   . VAL A 1 38  ? -0.898  7.021   -6.226  1.00 35.73  ? 1398 VAL A O   1 
ATOM   167 C  CB  . VAL A 1 38  ? -3.507  8.528   -6.454  1.00 28.34  ? 1398 VAL A CB  1 
ATOM   168 C  CG1 . VAL A 1 38  ? -3.841  8.552   -5.000  1.00 34.85  ? 1398 VAL A CG1 1 
ATOM   169 C  CG2 . VAL A 1 38  ? -2.336  9.407   -6.749  1.00 39.68  ? 1398 VAL A CG2 1 
ATOM   170 N  N   . VAL A 1 39  ? -2.322  5.732   -5.073  1.00 38.40  ? 1399 VAL A N   1 
ATOM   171 C  CA  . VAL A 1 39  ? -1.259  5.198   -4.231  1.00 46.67  ? 1399 VAL A CA  1 
ATOM   172 C  C   . VAL A 1 39  ? -0.581  4.047   -4.989  1.00 46.82  ? 1399 VAL A C   1 
ATOM   173 O  O   . VAL A 1 39  ? 0.572   3.743   -4.738  1.00 42.49  ? 1399 VAL A O   1 
ATOM   174 C  CB  . VAL A 1 39  ? -1.807  4.709   -2.838  1.00 48.52  ? 1399 VAL A CB  1 
ATOM   175 C  CG1 . VAL A 1 39  ? -2.060  3.214   -2.849  1.00 53.78  ? 1399 VAL A CG1 1 
ATOM   176 C  CG2 . VAL A 1 39  ? -0.830  5.051   -1.740  1.00 52.68  ? 1399 VAL A CG2 1 
ATOM   177 N  N   . LEU A 1 40  ? -1.300  3.408   -5.910  1.00 46.97  ? 1400 LEU A N   1 
ATOM   178 C  CA  . LEU A 1 40  ? -0.727  2.324   -6.702  1.00 48.34  ? 1400 LEU A CA  1 
ATOM   179 C  C   . LEU A 1 40  ? -0.036  2.900   -7.914  1.00 47.87  ? 1400 LEU A C   1 
ATOM   180 O  O   . LEU A 1 40  ? 0.869   2.288   -8.468  1.00 51.07  ? 1400 LEU A O   1 
ATOM   181 C  CB  . LEU A 1 40  ? -1.800  1.351   -7.186  1.00 50.46  ? 1400 LEU A CB  1 
ATOM   182 C  CG  . LEU A 1 40  ? -2.209  0.220   -6.241  1.00 48.94  ? 1400 LEU A CG  1 
ATOM   183 C  CD1 . LEU A 1 40  ? -2.660  0.839   -4.935  1.00 46.94  ? 1400 LEU A CD1 1 
ATOM   184 C  CD2 . LEU A 1 40  ? -3.339  -0.623  -6.846  1.00 44.40  ? 1400 LEU A CD2 1 
ATOM   185 N  N   . ASP A 1 41  ? -0.492  4.068   -8.347  1.00 48.67  ? 1401 ASP A N   1 
ATOM   186 C  CA  . ASP A 1 41  ? 0.091   4.740   -9.502  1.00 49.82  ? 1401 ASP A CA  1 
ATOM   187 C  C   . ASP A 1 41  ? 1.559   4.930   -9.266  1.00 48.74  ? 1401 ASP A C   1 
ATOM   188 O  O   . ASP A 1 41  ? 2.356   4.791   -10.186 1.00 59.46  ? 1401 ASP A O   1 
ATOM   189 C  CB  . ASP A 1 41  ? -0.514  6.119   -9.689  1.00 50.47  ? 1401 ASP A CB  1 
ATOM   190 C  CG  . ASP A 1 41  ? -1.959  6.064   -10.070 1.00 54.02  ? 1401 ASP A CG  1 
ATOM   191 O  OD1 . ASP A 1 41  ? -2.557  7.154   -10.185 1.00 43.29  ? 1401 ASP A OD1 1 
ATOM   192 O  OD2 . ASP A 1 41  ? -2.491  4.943   -10.259 1.00 47.92  ? 1401 ASP A OD2 1 
ATOM   193 N  N   . LYS A 1 42  ? 1.906   5.275   -8.030  1.00 38.11  ? 1402 LYS A N   1 
ATOM   194 C  CA  . LYS A 1 42  ? 3.294   5.509   -7.677  1.00 38.15  ? 1402 LYS A CA  1 
ATOM   195 C  C   . LYS A 1 42  ? 4.053   4.203   -7.539  1.00 37.10  ? 1402 LYS A C   1 
ATOM   196 O  O   . LYS A 1 42  ? 5.242   4.139   -7.834  1.00 37.31  ? 1402 LYS A O   1 
ATOM   197 C  CB  . LYS A 1 42  ? 3.389   6.278   -6.368  1.00 35.24  ? 1402 LYS A CB  1 
ATOM   198 C  CG  . LYS A 1 42  ? 2.578   7.537   -6.331  1.00 39.53  ? 1402 LYS A CG  1 
ATOM   199 C  CD  . LYS A 1 42  ? 2.660   8.164   -4.956  1.00 41.05  ? 1402 LYS A CD  1 
ATOM   200 C  CE  . LYS A 1 42  ? 1.796   9.418   -4.869  1.00 45.01  ? 1402 LYS A CE  1 
ATOM   201 N  NZ  . LYS A 1 42  ? 2.185   10.486  -5.848  1.00 44.65  ? 1402 LYS A NZ  1 
ATOM   202 N  N   . LEU A 1 43  ? 3.372   3.163   -7.081  1.00 35.92  ? 1403 LEU A N   1 
ATOM   203 C  CA  . LEU A 1 43  ? 4.035   1.881   -6.917  1.00 42.78  ? 1403 LEU A CA  1 
ATOM   204 C  C   . LEU A 1 43  ? 4.267   1.177   -8.252  1.00 46.89  ? 1403 LEU A C   1 
ATOM   205 O  O   . LEU A 1 43  ? 5.031   0.214   -8.330  1.00 51.29  ? 1403 LEU A O   1 
ATOM   206 C  CB  . LEU A 1 43  ? 3.219   0.956   -6.017  1.00 38.23  ? 1403 LEU A CB  1 
ATOM   207 C  CG  . LEU A 1 43  ? 3.045   1.270   -4.538  1.00 43.73  ? 1403 LEU A CG  1 
ATOM   208 C  CD1 . LEU A 1 43  ? 2.364   0.071   -3.883  1.00 40.71  ? 1403 LEU A CD1 1 
ATOM   209 C  CD2 . LEU A 1 43  ? 4.386   1.556   -3.870  1.00 25.10  ? 1403 LEU A CD2 1 
ATOM   210 N  N   . HIS A 1 44  ? 3.617   1.666   -9.299  1.00 42.58  ? 1404 HIS A N   1 
ATOM   211 C  CA  . HIS A 1 44  ? 3.719   1.058   -10.616 1.00 45.78  ? 1404 HIS A CA  1 
ATOM   212 C  C   . HIS A 1 44  ? 5.111   0.747   -11.166 1.00 53.52  ? 1404 HIS A C   1 
ATOM   213 O  O   . HIS A 1 44  ? 5.436   -0.411  -11.448 1.00 54.69  ? 1404 HIS A O   1 
ATOM   214 C  CB  . HIS A 1 44  ? 2.979   1.910   -11.644 1.00 44.48  ? 1404 HIS A CB  1 
ATOM   215 C  CG  . HIS A 1 44  ? 3.011   1.341   -13.031 1.00 45.91  ? 1404 HIS A CG  1 
ATOM   216 N  ND1 . HIS A 1 44  ? 2.312   0.207   -13.390 1.00 44.16  ? 1404 HIS A ND1 1 
ATOM   217 C  CD2 . HIS A 1 44  ? 3.671   1.742   -14.144 1.00 42.10  ? 1404 HIS A CD2 1 
ATOM   218 C  CE1 . HIS A 1 44  ? 2.538   -0.062  -14.663 1.00 42.58  ? 1404 HIS A CE1 1 
ATOM   219 N  NE2 . HIS A 1 44  ? 3.358   0.854   -15.144 1.00 48.75  ? 1404 HIS A NE2 1 
ATOM   220 N  N   . GLY A 1 45  ? 5.935   1.769   -11.335 1.00 55.08  ? 1405 GLY A N   1 
ATOM   221 C  CA  . GLY A 1 45  ? 7.248   1.536   -11.911 1.00 66.56  ? 1405 GLY A CA  1 
ATOM   222 C  C   . GLY A 1 45  ? 8.367   0.841   -11.154 1.00 73.74  ? 1405 GLY A C   1 
ATOM   223 O  O   . GLY A 1 45  ? 9.456   0.693   -11.706 1.00 81.33  ? 1405 GLY A O   1 
ATOM   224 N  N   . GLN A 1 46  ? 8.148   0.401   -9.921  1.00 76.05  ? 1406 GLN A N   1 
ATOM   225 C  CA  . GLN A 1 46  ? 9.259   -0.214  -9.211  1.00 70.14  ? 1406 GLN A CA  1 
ATOM   226 C  C   . GLN A 1 46  ? 8.921   -1.303  -8.215  1.00 63.98  ? 1406 GLN A C   1 
ATOM   227 O  O   . GLN A 1 46  ? 9.587   -2.340  -8.189  1.00 65.32  ? 1406 GLN A O   1 
ATOM   228 C  CB  . GLN A 1 46  ? 10.071  0.870   -8.509  1.00 77.10  ? 1406 GLN A CB  1 
ATOM   229 C  CG  . GLN A 1 46  ? 9.262   1.654   -7.492  1.00 86.80  ? 1406 GLN A CG  1 
ATOM   230 C  CD  . GLN A 1 46  ? 8.995   3.091   -7.916  1.00 93.44  ? 1406 GLN A CD  1 
ATOM   231 O  OE1 . GLN A 1 46  ? 8.513   3.349   -9.019  1.00 92.45  ? 1406 GLN A OE1 1 
ATOM   232 N  NE2 . GLN A 1 46  ? 9.298   4.034   -7.027  1.00 97.28  ? 1406 GLN A NE2 1 
ATOM   233 N  N   . VAL A 1 47  ? 7.907   -1.088  -7.389  1.00 55.88  ? 1407 VAL A N   1 
ATOM   234 C  CA  . VAL A 1 47  ? 7.579   -2.113  -6.412  1.00 63.13  ? 1407 VAL A CA  1 
ATOM   235 C  C   . VAL A 1 47  ? 6.703   -3.211  -6.980  1.00 61.52  ? 1407 VAL A C   1 
ATOM   236 O  O   . VAL A 1 47  ? 6.872   -4.380  -6.632  1.00 64.34  ? 1407 VAL A O   1 
ATOM   237 C  CB  . VAL A 1 47  ? 6.871   -1.550  -5.173  1.00 60.41  ? 1407 VAL A CB  1 
ATOM   238 C  CG1 . VAL A 1 47  ? 7.634   -0.370  -4.618  1.00 60.33  ? 1407 VAL A CG1 1 
ATOM   239 C  CG2 . VAL A 1 47  ? 5.460   -1.184  -5.518  1.00 64.18  ? 1407 VAL A CG2 1 
ATOM   240 N  N   . LEU A 1 48  ? 5.770   -2.860  -7.852  1.00 53.23  ? 1408 LEU A N   1 
ATOM   241 C  CA  . LEU A 1 48  ? 4.899   -3.886  -8.403  1.00 56.05  ? 1408 LEU A CA  1 
ATOM   242 C  C   . LEU A 1 48  ? 4.857   -3.823  -9.919  1.00 51.90  ? 1408 LEU A C   1 
ATOM   243 O  O   . LEU A 1 48  ? 4.831   -2.746  -10.505 1.00 51.36  ? 1408 LEU A O   1 
ATOM   244 C  CB  . LEU A 1 48  ? 3.500   -3.770  -7.780  1.00 54.74  ? 1408 LEU A CB  1 
ATOM   245 C  CG  . LEU A 1 48  ? 2.816   -2.420  -7.912  1.00 52.15  ? 1408 LEU A CG  1 
ATOM   246 C  CD1 . LEU A 1 48  ? 2.075   -2.424  -9.223  1.00 70.41  ? 1408 LEU A CD1 1 
ATOM   247 C  CD2 . LEU A 1 48  ? 1.853   -2.160  -6.781  1.00 49.61  ? 1408 LEU A CD2 1 
ATOM   248 N  N   . SER A 1 49  ? 4.876   -4.990  -10.548 1.00 45.86  ? 1409 SER A N   1 
ATOM   249 C  CA  . SER A 1 49  ? 4.867   -5.075  -11.997 1.00 46.07  ? 1409 SER A CA  1 
ATOM   250 C  C   . SER A 1 49  ? 3.569   -4.595  -12.625 1.00 50.45  ? 1409 SER A C   1 
ATOM   251 O  O   . SER A 1 49  ? 2.642   -4.164  -11.950 1.00 54.80  ? 1409 SER A O   1 
ATOM   252 C  CB  . SER A 1 49  ? 5.089   -6.511  -12.445 1.00 46.23  ? 1409 SER A CB  1 
ATOM   253 O  OG  . SER A 1 49  ? 3.877   -7.239  -12.332 1.00 26.41  ? 1409 SER A OG  1 
ATOM   254 N  N   . GLN A 1 50  ? 3.522   -4.696  -13.943 1.00 44.81  ? 1410 GLN A N   1 
ATOM   255 C  CA  . GLN A 1 50  ? 2.358   -4.308  -14.690 1.00 34.65  ? 1410 GLN A CA  1 
ATOM   256 C  C   . GLN A 1 50  ? 1.219   -5.286  -14.403 1.00 42.30  ? 1410 GLN A C   1 
ATOM   257 O  O   . GLN A 1 50  ? 0.119   -4.877  -14.031 1.00 39.02  ? 1410 GLN A O   1 
ATOM   258 C  CB  . GLN A 1 50  ? 2.701   -4.311  -16.168 1.00 30.62  ? 1410 GLN A CB  1 
ATOM   259 C  CG  . GLN A 1 50  ? 1.502   -4.209  -17.058 1.00 24.71  ? 1410 GLN A CG  1 
ATOM   260 C  CD  . GLN A 1 50  ? 0.894   -2.839  -17.048 1.00 26.80  ? 1410 GLN A CD  1 
ATOM   261 O  OE1 . GLN A 1 50  ? -0.246  -2.656  -17.460 1.00 21.36  ? 1410 GLN A OE1 1 
ATOM   262 N  NE2 . GLN A 1 50  ? 1.654   -1.860  -16.589 1.00 30.94  ? 1410 GLN A NE2 1 
ATOM   263 N  N   . GLU A 1 51  ? 1.485   -6.579  -14.567 1.00 51.35  ? 1411 GLU A N   1 
ATOM   264 C  CA  . GLU A 1 51  ? 0.476   -7.618  -14.332 1.00 56.89  ? 1411 GLU A CA  1 
ATOM   265 C  C   . GLU A 1 51  ? -0.107  -7.535  -12.922 1.00 56.24  ? 1411 GLU A C   1 
ATOM   266 O  O   . GLU A 1 51  ? -1.264  -7.887  -12.699 1.00 56.79  ? 1411 GLU A O   1 
ATOM   267 C  CB  . GLU A 1 51  ? 1.087   -9.007  -14.548 1.00 66.56  ? 1411 GLU A CB  1 
ATOM   268 C  CG  . GLU A 1 51  ? 0.119   -10.159 -14.322 1.00 74.78  ? 1411 GLU A CG  1 
ATOM   269 C  CD  . GLU A 1 51  ? -0.041  -11.037 -15.556 1.00 83.55  ? 1411 GLU A CD  1 
ATOM   270 O  OE1 . GLU A 1 51  ? 0.988   -11.467 -16.125 1.00 78.26  ? 1411 GLU A OE1 1 
ATOM   271 O  OE2 . GLU A 1 51  ? -1.198  -11.306 -15.952 1.00 91.10  ? 1411 GLU A OE2 1 
ATOM   272 N  N   . GLN A 1 52  ? 0.716   -7.072  -11.984 1.00 51.76  ? 1412 GLN A N   1 
ATOM   273 C  CA  . GLN A 1 52  ? 0.328   -6.913  -10.587 1.00 42.69  ? 1412 GLN A CA  1 
ATOM   274 C  C   . GLN A 1 52  ? -0.511  -5.652  -10.428 1.00 42.74  ? 1412 GLN A C   1 
ATOM   275 O  O   . GLN A 1 52  ? -1.557  -5.661  -9.781  1.00 38.00  ? 1412 GLN A O   1 
ATOM   276 C  CB  . GLN A 1 52  ? 1.582   -6.825  -9.709  1.00 44.63  ? 1412 GLN A CB  1 
ATOM   277 C  CG  . GLN A 1 52  ? 2.233   -8.185  -9.455  1.00 49.12  ? 1412 GLN A CG  1 
ATOM   278 C  CD  . GLN A 1 52  ? 3.591   -8.099  -8.767  1.00 50.86  ? 1412 GLN A CD  1 
ATOM   279 O  OE1 . GLN A 1 52  ? 3.765   -7.373  -7.788  1.00 50.87  ? 1412 GLN A OE1 1 
ATOM   280 N  NE2 . GLN A 1 52  ? 4.558   -8.858  -9.274  1.00 44.31  ? 1412 GLN A NE2 1 
ATOM   281 N  N   . TYR A 1 53  ? -0.038  -4.572  -11.035 1.00 43.66  ? 1413 TYR A N   1 
ATOM   282 C  CA  . TYR A 1 53  ? -0.720  -3.292  -10.988 1.00 43.02  ? 1413 TYR A CA  1 
ATOM   283 C  C   . TYR A 1 53  ? -2.205  -3.441  -11.286 1.00 48.17  ? 1413 TYR A C   1 
ATOM   284 O  O   . TYR A 1 53  ? -3.051  -2.980  -10.517 1.00 46.39  ? 1413 TYR A O   1 
ATOM   285 C  CB  . TYR A 1 53  ? -0.099  -2.334  -12.000 1.00 46.43  ? 1413 TYR A CB  1 
ATOM   286 C  CG  . TYR A 1 53  ? -0.723  -0.957  -12.021 1.00 45.77  ? 1413 TYR A CG  1 
ATOM   287 C  CD1 . TYR A 1 53  ? -0.512  -0.058  -10.979 1.00 46.92  ? 1413 TYR A CD1 1 
ATOM   288 C  CD2 . TYR A 1 53  ? -1.525  -0.554  -13.086 1.00 36.39  ? 1413 TYR A CD2 1 
ATOM   289 C  CE1 . TYR A 1 53  ? -1.084  1.211   -11.000 1.00 53.80  ? 1413 TYR A CE1 1 
ATOM   290 C  CE2 . TYR A 1 53  ? -2.101  0.709   -13.115 1.00 42.25  ? 1413 TYR A CE2 1 
ATOM   291 C  CZ  . TYR A 1 53  ? -1.877  1.586   -12.076 1.00 53.90  ? 1413 TYR A CZ  1 
ATOM   292 O  OH  . TYR A 1 53  ? -2.427  2.846   -12.125 1.00 58.44  ? 1413 TYR A OH  1 
ATOM   293 N  N   . GLU A 1 54  ? -2.532  -4.076  -12.407 1.00 44.77  ? 1414 GLU A N   1 
ATOM   294 C  CA  . GLU A 1 54  ? -3.935  -4.244  -12.748 1.00 53.57  ? 1414 GLU A CA  1 
ATOM   295 C  C   . GLU A 1 54  ? -4.635  -5.343  -11.940 1.00 50.22  ? 1414 GLU A C   1 
ATOM   296 O  O   . GLU A 1 54  ? -5.853  -5.302  -11.766 1.00 46.69  ? 1414 GLU A O   1 
ATOM   297 C  CB  . GLU A 1 54  ? -4.100  -4.453  -14.265 1.00 62.50  ? 1414 GLU A CB  1 
ATOM   298 C  CG  . GLU A 1 54  ? -2.856  -4.925  -15.012 1.00 70.10  ? 1414 GLU A CG  1 
ATOM   299 C  CD  . GLU A 1 54  ? -3.008  -4.848  -16.539 1.00 74.58  ? 1414 GLU A CD  1 
ATOM   300 O  OE1 . GLU A 1 54  ? -2.090  -5.298  -17.260 1.00 71.59  ? 1414 GLU A OE1 1 
ATOM   301 O  OE2 . GLU A 1 54  ? -4.042  -4.334  -17.017 1.00 63.12  ? 1414 GLU A OE2 1 
ATOM   302 N  N   . ARG A 1 55  ? -3.874  -6.303  -11.422 1.00 52.87  ? 1415 ARG A N   1 
ATOM   303 C  CA  . ARG A 1 55  ? -4.459  -7.374  -10.611 1.00 61.02  ? 1415 ARG A CA  1 
ATOM   304 C  C   . ARG A 1 55  ? -5.106  -6.810  -9.352  1.00 56.41  ? 1415 ARG A C   1 
ATOM   305 O  O   . ARG A 1 55  ? -6.242  -7.136  -9.019  1.00 53.35  ? 1415 ARG A O   1 
ATOM   306 C  CB  . ARG A 1 55  ? -3.394  -8.394  -10.189 1.00 70.24  ? 1415 ARG A CB  1 
ATOM   307 C  CG  . ARG A 1 55  ? -3.070  -9.471  -11.223 1.00 81.99  ? 1415 ARG A CG  1 
ATOM   308 C  CD  . ARG A 1 55  ? -1.906  -10.349 -10.756 1.00 88.77  ? 1415 ARG A CD  1 
ATOM   309 N  NE  . ARG A 1 55  ? -2.238  -11.175 -9.591  1.00 85.17  ? 1415 ARG A NE  1 
ATOM   310 C  CZ  . ARG A 1 55  ? -1.339  -11.863 -8.895  1.00 84.77  ? 1415 ARG A CZ  1 
ATOM   311 N  NH1 . ARG A 1 55  ? -1.714  -12.602 -7.858  1.00 76.05  ? 1415 ARG A NH1 1 
ATOM   312 N  NH2 . ARG A 1 55  ? -0.055  -11.794 -9.229  1.00 81.89  ? 1415 ARG A NH2 1 
ATOM   313 N  N   . VAL A 1 56  ? -4.355  -5.975  -8.650  1.00 54.40  ? 1416 VAL A N   1 
ATOM   314 C  CA  . VAL A 1 56  ? -4.825  -5.348  -7.426  1.00 58.55  ? 1416 VAL A CA  1 
ATOM   315 C  C   . VAL A 1 56  ? -5.823  -4.229  -7.762  1.00 57.56  ? 1416 VAL A C   1 
ATOM   316 O  O   . VAL A 1 56  ? -6.706  -3.887  -6.975  1.00 49.30  ? 1416 VAL A O   1 
ATOM   317 C  CB  . VAL A 1 56  ? -3.600  -4.811  -6.627  1.00 56.20  ? 1416 VAL A CB  1 
ATOM   318 C  CG1 . VAL A 1 56  ? -2.710  -4.019  -7.541  1.00 55.25  ? 1416 VAL A CG1 1 
ATOM   319 C  CG2 . VAL A 1 56  ? -4.042  -3.975  -5.443  1.00 61.23  ? 1416 VAL A CG2 1 
ATOM   320 N  N   . LEU A 1 57  ? -5.701  -3.682  -8.962  1.00 60.79  ? 1417 LEU A N   1 
ATOM   321 C  CA  . LEU A 1 57  ? -6.586  -2.620  -9.383  1.00 51.93  ? 1417 LEU A CA  1 
ATOM   322 C  C   . LEU A 1 57  ? -7.927  -3.196  -9.799  1.00 42.81  ? 1417 LEU A C   1 
ATOM   323 O  O   . LEU A 1 57  ? -8.926  -2.500  -9.787  1.00 47.02  ? 1417 LEU A O   1 
ATOM   324 C  CB  . LEU A 1 57  ? -5.959  -1.853  -10.549 1.00 52.04  ? 1417 LEU A CB  1 
ATOM   325 C  CG  . LEU A 1 57  ? -6.090  -0.333  -10.460 1.00 54.41  ? 1417 LEU A CG  1 
ATOM   326 C  CD1 . LEU A 1 57  ? -7.547  0.028   -10.147 1.00 50.59  ? 1417 LEU A CD1 1 
ATOM   327 C  CD2 . LEU A 1 57  ? -5.178  0.210   -9.380  1.00 42.22  ? 1417 LEU A CD2 1 
ATOM   328 N  N   . ALA A 1 58  ? -7.943  -4.474  -10.160 1.00 41.48  ? 1418 ALA A N   1 
ATOM   329 C  CA  . ALA A 1 58  ? -9.165  -5.133  -10.595 1.00 40.20  ? 1418 ALA A CA  1 
ATOM   330 C  C   . ALA A 1 58  ? -10.178 -5.220  -9.471  1.00 42.70  ? 1418 ALA A C   1 
ATOM   331 O  O   . ALA A 1 58  ? -11.382 -5.128  -9.699  1.00 41.32  ? 1418 ALA A O   1 
ATOM   332 C  CB  . ALA A 1 58  ? -8.849  -6.510  -11.095 1.00 47.07  ? 1418 ALA A CB  1 
ATOM   333 N  N   . GLU A 1 59  ? -9.680  -5.409  -8.256  1.00 48.07  ? 1419 GLU A N   1 
ATOM   334 C  CA  . GLU A 1 59  ? -10.535 -5.511  -7.086  1.00 48.55  ? 1419 GLU A CA  1 
ATOM   335 C  C   . GLU A 1 59  ? -11.451 -4.312  -7.033  1.00 50.94  ? 1419 GLU A C   1 
ATOM   336 O  O   . GLU A 1 59  ? -11.021 -3.186  -7.241  1.00 52.65  ? 1419 GLU A O   1 
ATOM   337 C  CB  . GLU A 1 59  ? -9.692  -5.555  -5.818  1.00 47.63  ? 1419 GLU A CB  1 
ATOM   338 C  CG  . GLU A 1 59  ? -8.719  -6.700  -5.788  1.00 52.55  ? 1419 GLU A CG  1 
ATOM   339 C  CD  . GLU A 1 59  ? -9.415  -8.032  -5.801  1.00 54.49  ? 1419 GLU A CD  1 
ATOM   340 O  OE1 . GLU A 1 59  ? -8.724  -9.065  -5.877  1.00 64.57  ? 1419 GLU A OE1 1 
ATOM   341 O  OE2 . GLU A 1 59  ? -10.657 -8.048  -5.731  1.00 49.79  ? 1419 GLU A OE2 1 
ATOM   342 N  N   . ASN A 1 60  ? -12.717 -4.559  -6.738  1.00 52.36  ? 1420 ASN A N   1 
ATOM   343 C  CA  . ASN A 1 60  ? -13.691 -3.494  -6.672  1.00 52.24  ? 1420 ASN A CA  1 
ATOM   344 C  C   . ASN A 1 60  ? -13.553 -2.518  -5.510  1.00 46.91  ? 1420 ASN A C   1 
ATOM   345 O  O   . ASN A 1 60  ? -13.146 -1.380  -5.711  1.00 46.90  ? 1420 ASN A O   1 
ATOM   346 C  CB  . ASN A 1 60  ? -15.082 -4.098  -6.681  1.00 57.58  ? 1420 ASN A CB  1 
ATOM   347 C  CG  . ASN A 1 60  ? -15.836 -3.769  -7.945  1.00 68.70  ? 1420 ASN A CG  1 
ATOM   348 O  OD1 . ASN A 1 60  ? -16.864 -4.379  -8.247  1.00 70.72  ? 1420 ASN A OD1 1 
ATOM   349 N  ND2 . ASN A 1 60  ? -15.328 -2.790  -8.698  1.00 73.93  ? 1420 ASN A ND2 1 
ATOM   350 N  N   . THR A 1 61  ? -13.902 -2.964  -4.304  1.00 49.61  ? 1421 THR A N   1 
ATOM   351 C  CA  . THR A 1 61  ? -13.835 -2.123  -3.104  1.00 48.44  ? 1421 THR A CA  1 
ATOM   352 C  C   . THR A 1 61  ? -12.440 -1.624  -2.769  1.00 44.76  ? 1421 THR A C   1 
ATOM   353 O  O   . THR A 1 61  ? -11.440 -2.148  -3.238  1.00 43.86  ? 1421 THR A O   1 
ATOM   354 C  CB  . THR A 1 61  ? -14.359 -2.853  -1.848  1.00 43.99  ? 1421 THR A CB  1 
ATOM   355 O  OG1 . THR A 1 61  ? -14.832 -4.151  -2.212  1.00 59.19  ? 1421 THR A OG1 1 
ATOM   356 C  CG2 . THR A 1 61  ? -15.502 -2.067  -1.208  1.00 46.92  ? 1421 THR A CG2 1 
ATOM   357 N  N   . ARG A 1 62  ? -12.387 -0.613  -1.924  1.00 47.12  ? 1422 ARG A N   1 
ATOM   358 C  CA  . ARG A 1 62  ? -11.130 -0.042  -1.521  1.00 43.82  ? 1422 ARG A CA  1 
ATOM   359 C  C   . ARG A 1 62  ? -10.274 -1.028  -0.712  1.00 46.53  ? 1422 ARG A C   1 
ATOM   360 O  O   . ARG A 1 62  ? -9.100  -1.219  -1.013  1.00 46.02  ? 1422 ARG A O   1 
ATOM   361 C  CB  . ARG A 1 62  ? -11.418 1.239   -0.752  1.00 51.06  ? 1422 ARG A CB  1 
ATOM   362 C  CG  . ARG A 1 62  ? -10.216 1.991   -0.268  1.00 53.96  ? 1422 ARG A CG  1 
ATOM   363 C  CD  . ARG A 1 62  ? -10.594 3.404   0.151   1.00 55.28  ? 1422 ARG A CD  1 
ATOM   364 N  NE  . ARG A 1 62  ? -11.600 3.510   1.211   1.00 52.67  ? 1422 ARG A NE  1 
ATOM   365 C  CZ  . ARG A 1 62  ? -11.514 2.947   2.417   1.00 60.98  ? 1422 ARG A CZ  1 
ATOM   366 N  NH1 . ARG A 1 62  ? -12.488 3.133   3.303   1.00 54.83  ? 1422 ARG A NH1 1 
ATOM   367 N  NH2 . ARG A 1 62  ? -10.482 2.176   2.732   1.00 62.59  ? 1422 ARG A NH2 1 
ATOM   368 N  N   . PRO A 1 63  ? -10.847 -1.681  0.314   1.00 48.80  ? 1423 PRO A N   1 
ATOM   369 C  CA  . PRO A 1 63  ? -10.078 -2.639  1.121   1.00 45.39  ? 1423 PRO A CA  1 
ATOM   370 C  C   . PRO A 1 63  ? -9.768  -3.941  0.382   1.00 39.36  ? 1423 PRO A C   1 
ATOM   371 O  O   . PRO A 1 63  ? -8.777  -4.606  0.668   1.00 30.78  ? 1423 PRO A O   1 
ATOM   372 C  CB  . PRO A 1 63  ? -10.984 -2.874  2.325   1.00 45.97  ? 1423 PRO A CB  1 
ATOM   373 C  CG  . PRO A 1 63  ? -12.340 -2.794  1.714   1.00 45.77  ? 1423 PRO A CG  1 
ATOM   374 C  CD  . PRO A 1 63  ? -12.208 -1.543  0.856   1.00 46.65  ? 1423 PRO A CD  1 
ATOM   375 N  N   . SER A 1 64  ? -10.639 -4.300  -0.555  1.00 39.44  ? 1424 SER A N   1 
ATOM   376 C  CA  . SER A 1 64  ? -10.458 -5.504  -1.343  1.00 42.23  ? 1424 SER A CA  1 
ATOM   377 C  C   . SER A 1 64  ? -9.188  -5.310  -2.146  1.00 46.74  ? 1424 SER A C   1 
ATOM   378 O  O   . SER A 1 64  ? -8.383  -6.229  -2.303  1.00 42.09  ? 1424 SER A O   1 
ATOM   379 C  CB  . SER A 1 64  ? -11.638 -5.697  -2.288  1.00 41.89  ? 1424 SER A CB  1 
ATOM   380 O  OG  . SER A 1 64  ? -12.858 -5.663  -1.583  1.00 54.15  ? 1424 SER A OG  1 
ATOM   381 N  N   . GLN A 1 65  ? -9.028  -4.092  -2.652  1.00 47.39  ? 1425 GLN A N   1 
ATOM   382 C  CA  . GLN A 1 65  ? -7.866  -3.699  -3.435  1.00 41.62  ? 1425 GLN A CA  1 
ATOM   383 C  C   . GLN A 1 65  ? -6.644  -3.623  -2.534  1.00 42.84  ? 1425 GLN A C   1 
ATOM   384 O  O   . GLN A 1 65  ? -5.601  -4.198  -2.830  1.00 35.95  ? 1425 GLN A O   1 
ATOM   385 C  CB  . GLN A 1 65  ? -8.088  -2.321  -4.054  1.00 39.09  ? 1425 GLN A CB  1 
ATOM   386 C  CG  . GLN A 1 65  ? -9.164  -2.231  -5.109  1.00 41.34  ? 1425 GLN A CG  1 
ATOM   387 C  CD  . GLN A 1 65  ? -9.357  -0.797  -5.591  1.00 51.93  ? 1425 GLN A CD  1 
ATOM   388 O  OE1 . GLN A 1 65  ? -10.115 -0.539  -6.527  1.00 58.84  ? 1425 GLN A OE1 1 
ATOM   389 N  NE2 . GLN A 1 65  ? -8.671  0.144   -4.945  1.00 39.87  ? 1425 GLN A NE2 1 
HETATM 390 N  N   . MSE A 1 66  ? -6.790  -2.907  -1.425  1.00 43.01  ? 1426 MSE A N   1 
HETATM 391 C  CA  . MSE A 1 66  ? -5.705  -2.730  -0.471  1.00 48.07  ? 1426 MSE A CA  1 
HETATM 392 C  C   . MSE A 1 66  ? -5.180  -4.063  0.080   1.00 45.76  ? 1426 MSE A C   1 
HETATM 393 O  O   . MSE A 1 66  ? -3.973  -4.249  0.237   1.00 42.06  ? 1426 MSE A O   1 
HETATM 394 C  CB  . MSE A 1 66  ? -6.183  -1.830  0.676   1.00 52.17  ? 1426 MSE A CB  1 
HETATM 395 C  CG  . MSE A 1 66  ? -5.079  -0.994  1.324   1.00 65.36  ? 1426 MSE A CG  1 
HETATM 396 SE SE  . MSE A 1 66  ? -3.982  -0.028  -0.027  1.00 92.29  ? 1426 MSE A SE  1 
HETATM 397 C  CE  . MSE A 1 66  ? -2.225  -0.612  0.573   1.00 87.25  ? 1426 MSE A CE  1 
ATOM   398 N  N   . ARG A 1 67  ? -6.096  -4.983  0.362   1.00 42.07  ? 1427 ARG A N   1 
ATOM   399 C  CA  . ARG A 1 67  ? -5.759  -6.297  0.899   1.00 35.71  ? 1427 ARG A CA  1 
ATOM   400 C  C   . ARG A 1 67  ? -5.034  -7.149  -0.135  1.00 30.13  ? 1427 ARG A C   1 
ATOM   401 O  O   . ARG A 1 67  ? -4.125  -7.900  0.190   1.00 21.59  ? 1427 ARG A O   1 
ATOM   402 C  CB  . ARG A 1 67  ? -7.037  -7.000  1.346   1.00 29.96  ? 1427 ARG A CB  1 
ATOM   403 C  CG  . ARG A 1 67  ? -6.810  -8.310  2.047   1.00 30.85  ? 1427 ARG A CG  1 
ATOM   404 C  CD  . ARG A 1 67  ? -8.116  -8.889  2.525   1.00 33.45  ? 1427 ARG A CD  1 
ATOM   405 N  NE  . ARG A 1 67  ? -8.599  -8.337  3.791   1.00 47.30  ? 1427 ARG A NE  1 
ATOM   406 C  CZ  . ARG A 1 67  ? -7.967  -8.444  4.958   1.00 60.22  ? 1427 ARG A CZ  1 
ATOM   407 N  NH1 . ARG A 1 67  ? -6.799  -9.070  5.042   1.00 62.83  ? 1427 ARG A NH1 1 
ATOM   408 N  NH2 . ARG A 1 67  ? -8.535  -7.973  6.058   1.00 65.11  ? 1427 ARG A NH2 1 
ATOM   409 N  N   . LYS A 1 68  ? -5.462  -7.019  -1.381  1.00 30.92  ? 1428 LYS A N   1 
ATOM   410 C  CA  . LYS A 1 68  ? -4.882  -7.748  -2.489  1.00 32.56  ? 1428 LYS A CA  1 
ATOM   411 C  C   . LYS A 1 68  ? -3.436  -7.343  -2.625  1.00 29.37  ? 1428 LYS A C   1 
ATOM   412 O  O   . LYS A 1 68  ? -2.565  -8.158  -2.908  1.00 15.39  ? 1428 LYS A O   1 
ATOM   413 C  CB  . LYS A 1 68  ? -5.626  -7.401  -3.772  1.00 36.51  ? 1428 LYS A CB  1 
ATOM   414 C  CG  . LYS A 1 68  ? -5.109  -8.105  -5.005  1.00 44.22  ? 1428 LYS A CG  1 
ATOM   415 C  CD  . LYS A 1 68  ? -5.255  -9.614  -4.904  1.00 52.48  ? 1428 LYS A CD  1 
ATOM   416 C  CE  . LYS A 1 68  ? -4.860  -10.254 -6.211  1.00 57.05  ? 1428 LYS A CE  1 
ATOM   417 N  NZ  . LYS A 1 68  ? -5.137  -11.712 -6.268  1.00 69.78  ? 1428 LYS A NZ  1 
ATOM   418 N  N   . LEU A 1 69  ? -3.187  -6.060  -2.421  1.00 34.27  ? 1429 LEU A N   1 
ATOM   419 C  CA  . LEU A 1 69  ? -1.834  -5.538  -2.518  1.00 39.56  ? 1429 LEU A CA  1 
ATOM   420 C  C   . LEU A 1 69  ? -0.905  -6.207  -1.495  1.00 37.65  ? 1429 LEU A C   1 
ATOM   421 O  O   . LEU A 1 69  ? 0.170   -6.694  -1.846  1.00 31.87  ? 1429 LEU A O   1 
ATOM   422 C  CB  . LEU A 1 69  ? -1.848  -4.024  -2.306  1.00 34.10  ? 1429 LEU A CB  1 
ATOM   423 C  CG  . LEU A 1 69  ? -0.484  -3.350  -2.369  1.00 27.59  ? 1429 LEU A CG  1 
ATOM   424 C  CD1 . LEU A 1 69  ? -0.034  -3.245  -3.796  1.00 12.24  ? 1429 LEU A CD1 1 
ATOM   425 C  CD2 . LEU A 1 69  ? -0.565  -1.993  -1.738  1.00 22.63  ? 1429 LEU A CD2 1 
ATOM   426 N  N   . PHE A 1 70  ? -1.324  -6.231  -0.234  1.00 30.34  ? 1430 PHE A N   1 
ATOM   427 C  CA  . PHE A 1 70  ? -0.518  -6.839  0.806   1.00 30.98  ? 1430 PHE A CA  1 
ATOM   428 C  C   . PHE A 1 70  ? -0.227  -8.308  0.560   1.00 36.47  ? 1430 PHE A C   1 
ATOM   429 O  O   . PHE A 1 70  ? 0.712   -8.863  1.112   1.00 43.08  ? 1430 PHE A O   1 
ATOM   430 C  CB  . PHE A 1 70  ? -1.196  -6.662  2.156   1.00 34.24  ? 1430 PHE A CB  1 
ATOM   431 C  CG  . PHE A 1 70  ? -0.905  -5.346  2.798   1.00 47.27  ? 1430 PHE A CG  1 
ATOM   432 C  CD1 . PHE A 1 70  ? 0.399   -5.000  3.127   1.00 41.66  ? 1430 PHE A CD1 1 
ATOM   433 C  CD2 . PHE A 1 70  ? -1.924  -4.439  3.054   1.00 52.13  ? 1430 PHE A CD2 1 
ATOM   434 C  CE1 . PHE A 1 70  ? 0.690   -3.771  3.706   1.00 40.35  ? 1430 PHE A CE1 1 
ATOM   435 C  CE2 . PHE A 1 70  ? -1.640  -3.202  3.634   1.00 50.32  ? 1430 PHE A CE2 1 
ATOM   436 C  CZ  . PHE A 1 70  ? -0.332  -2.869  3.958   1.00 45.87  ? 1430 PHE A CZ  1 
ATOM   437 N  N   . SER A 1 71  ? -1.035  -8.934  -0.279  1.00 42.63  ? 1431 SER A N   1 
ATOM   438 C  CA  . SER A 1 71  ? -0.848  -10.333 -0.598  1.00 42.29  ? 1431 SER A CA  1 
ATOM   439 C  C   . SER A 1 71  ? 0.458   -10.487 -1.327  1.00 43.41  ? 1431 SER A C   1 
ATOM   440 O  O   . SER A 1 71  ? 1.108   -11.524 -1.261  1.00 47.26  ? 1431 SER A O   1 
ATOM   441 C  CB  . SER A 1 71  ? -1.971  -10.814 -1.501  1.00 48.66  ? 1431 SER A CB  1 
ATOM   442 O  OG  . SER A 1 71  ? -3.228  -10.489 -0.931  1.00 64.62  ? 1431 SER A OG  1 
ATOM   443 N  N   . LEU A 1 72  ? 0.856   -9.446  -2.034  1.00 43.90  ? 1432 LEU A N   1 
ATOM   444 C  CA  . LEU A 1 72  ? 2.090   -9.526  -2.785  1.00 51.86  ? 1432 LEU A CA  1 
ATOM   445 C  C   . LEU A 1 72  ? 3.330   -9.273  -1.937  1.00 56.31  ? 1432 LEU A C   1 
ATOM   446 O  O   . LEU A 1 72  ? 4.436   -9.574  -2.375  1.00 58.88  ? 1432 LEU A O   1 
ATOM   447 C  CB  . LEU A 1 72  ? 2.039   -8.544  -3.955  1.00 50.89  ? 1432 LEU A CB  1 
ATOM   448 C  CG  . LEU A 1 72  ? 1.053   -8.801  -5.112  1.00 44.10  ? 1432 LEU A CG  1 
ATOM   449 C  CD1 . LEU A 1 72  ? -0.380  -8.996  -4.639  1.00 38.44  ? 1432 LEU A CD1 1 
ATOM   450 C  CD2 . LEU A 1 72  ? 1.145   -7.625  -6.034  1.00 45.87  ? 1432 LEU A CD2 1 
ATOM   451 N  N   . SER A 1 73  ? 3.149   -8.748  -0.724  1.00 58.78  ? 1433 SER A N   1 
ATOM   452 C  CA  . SER A 1 73  ? 4.275   -8.431  0.169   1.00 60.82  ? 1433 SER A CA  1 
ATOM   453 C  C   . SER A 1 73  ? 5.267   -9.536  0.456   1.00 64.29  ? 1433 SER A C   1 
ATOM   454 O  O   . SER A 1 73  ? 6.374   -9.281  0.929   1.00 54.14  ? 1433 SER A O   1 
ATOM   455 C  CB  . SER A 1 73  ? 3.763   -7.899  1.496   1.00 57.16  ? 1433 SER A CB  1 
ATOM   456 O  OG  . SER A 1 73  ? 3.200   -6.620  1.302   1.00 62.83  ? 1433 SER A OG  1 
ATOM   457 N  N   . GLN A 1 74  ? 4.857   -10.761 0.176   1.00 71.11  ? 1434 GLN A N   1 
ATOM   458 C  CA  . GLN A 1 74  ? 5.696   -11.916 0.401   1.00 79.45  ? 1434 GLN A CA  1 
ATOM   459 C  C   . GLN A 1 74  ? 7.122   -11.761 -0.101  1.00 81.38  ? 1434 GLN A C   1 
ATOM   460 O  O   . GLN A 1 74  ? 8.017   -12.470 0.352   1.00 83.21  ? 1434 GLN A O   1 
ATOM   461 C  CB  . GLN A 1 74  ? 5.054   -13.137 -0.244  1.00 87.97  ? 1434 GLN A CB  1 
ATOM   462 C  CG  . GLN A 1 74  ? 3.903   -13.684 0.564   1.00 99.67  ? 1434 GLN A CG  1 
ATOM   463 C  CD  . GLN A 1 74  ? 4.355   -14.108 1.944   1.00 107.94 ? 1434 GLN A CD  1 
ATOM   464 O  OE1 . GLN A 1 74  ? 5.100   -15.081 2.096   1.00 111.18 ? 1434 GLN A OE1 1 
ATOM   465 N  NE2 . GLN A 1 74  ? 3.922   -13.368 2.959   1.00 110.69 ? 1434 GLN A NE2 1 
ATOM   466 N  N   . SER A 1 75  ? 7.339   -10.841 -1.033  1.00 79.77  ? 1435 SER A N   1 
ATOM   467 C  CA  . SER A 1 75  ? 8.674   -10.639 -1.573  1.00 79.20  ? 1435 SER A CA  1 
ATOM   468 C  C   . SER A 1 75  ? 9.219   -9.227  -1.358  1.00 78.73  ? 1435 SER A C   1 
ATOM   469 O  O   . SER A 1 75  ? 10.345  -8.910  -1.751  1.00 70.34  ? 1435 SER A O   1 
ATOM   470 C  CB  . SER A 1 75  ? 8.674   -10.999 -3.059  1.00 79.18  ? 1435 SER A CB  1 
ATOM   471 O  OG  . SER A 1 75  ? 7.495   -10.543 -3.691  1.00 72.34  ? 1435 SER A OG  1 
ATOM   472 N  N   . TRP A 1 76  ? 8.418   -8.382  -0.720  1.00 79.69  ? 1436 TRP A N   1 
ATOM   473 C  CA  . TRP A 1 76  ? 8.821   -7.008  -0.446  1.00 83.95  ? 1436 TRP A CA  1 
ATOM   474 C  C   . TRP A 1 76  ? 10.030  -6.985  0.482   1.00 81.87  ? 1436 TRP A C   1 
ATOM   475 O  O   . TRP A 1 76  ? 10.106  -7.754  1.440   1.00 82.83  ? 1436 TRP A O   1 
ATOM   476 C  CB  . TRP A 1 76  ? 7.684   -6.222  0.231   1.00 86.76  ? 1436 TRP A CB  1 
ATOM   477 C  CG  . TRP A 1 76  ? 6.540   -5.739  -0.648  1.00 81.19  ? 1436 TRP A CG  1 
ATOM   478 C  CD1 . TRP A 1 76  ? 5.546   -4.857  -0.292  1.00 74.36  ? 1436 TRP A CD1 1 
ATOM   479 C  CD2 . TRP A 1 76  ? 6.275   -6.107  -2.005  1.00 75.17  ? 1436 TRP A CD2 1 
ATOM   480 N  NE1 . TRP A 1 76  ? 4.693   -4.658  -1.342  1.00 63.90  ? 1436 TRP A NE1 1 
ATOM   481 C  CE2 . TRP A 1 76  ? 5.115   -5.408  -2.405  1.00 74.00  ? 1436 TRP A CE2 1 
ATOM   482 C  CE3 . TRP A 1 76  ? 6.906   -6.954  -2.924  1.00 79.45  ? 1436 TRP A CE3 1 
ATOM   483 C  CZ2 . TRP A 1 76  ? 4.574   -5.538  -3.687  1.00 79.89  ? 1436 TRP A CZ2 1 
ATOM   484 C  CZ3 . TRP A 1 76  ? 6.365   -7.080  -4.198  1.00 83.72  ? 1436 TRP A CZ3 1 
ATOM   485 C  CH2 . TRP A 1 76  ? 5.213   -6.375  -4.566  1.00 80.64  ? 1436 TRP A CH2 1 
ATOM   486 N  N   . ASP A 1 77  ? 10.961  -6.086  0.189   1.00 76.40  ? 1437 ASP A N   1 
ATOM   487 C  CA  . ASP A 1 77  ? 12.167  -5.903  0.984   1.00 72.87  ? 1437 ASP A CA  1 
ATOM   488 C  C   . ASP A 1 77  ? 12.144  -4.459  1.448   1.00 76.83  ? 1437 ASP A C   1 
ATOM   489 O  O   . ASP A 1 77  ? 11.195  -3.725  1.170   1.00 76.62  ? 1437 ASP A O   1 
ATOM   490 C  CB  . ASP A 1 77  ? 13.410  -6.160  0.134   1.00 63.17  ? 1437 ASP A CB  1 
ATOM   491 C  CG  . ASP A 1 77  ? 13.166  -5.894  -1.330  1.00 67.79  ? 1437 ASP A CG  1 
ATOM   492 O  OD1 . ASP A 1 77  ? 12.327  -6.602  -1.921  1.00 76.70  ? 1437 ASP A OD1 1 
ATOM   493 O  OD2 . ASP A 1 77  ? 13.794  -4.979  -1.896  1.00 62.62  ? 1437 ASP A OD2 1 
ATOM   494 N  N   . ARG A 1 78  ? 13.187  -4.049  2.157   1.00 80.02  ? 1438 ARG A N   1 
ATOM   495 C  CA  . ARG A 1 78  ? 13.270  -2.682  2.653   1.00 79.55  ? 1438 ARG A CA  1 
ATOM   496 C  C   . ARG A 1 78  ? 13.151  -1.678  1.493   1.00 78.24  ? 1438 ARG A C   1 
ATOM   497 O  O   . ARG A 1 78  ? 13.007  -0.479  1.715   1.00 81.18  ? 1438 ARG A O   1 
ATOM   498 C  CB  . ARG A 1 78  ? 14.595  -2.492  3.416   1.00 87.22  ? 1438 ARG A CB  1 
ATOM   499 C  CG  . ARG A 1 78  ? 14.823  -1.111  4.058   1.00 86.96  ? 1438 ARG A CG  1 
ATOM   500 C  CD  . ARG A 1 78  ? 13.921  -0.842  5.260   1.00 94.31  ? 1438 ARG A CD  1 
ATOM   501 N  NE  . ARG A 1 78  ? 14.169  -1.763  6.370   1.00 106.53 ? 1438 ARG A NE  1 
ATOM   502 C  CZ  . ARG A 1 78  ? 13.530  -1.731  7.541   1.00 111.80 ? 1438 ARG A CZ  1 
ATOM   503 N  NH1 . ARG A 1 78  ? 13.830  -2.617  8.482   1.00 111.15 ? 1438 ARG A NH1 1 
ATOM   504 N  NH2 . ARG A 1 78  ? 12.597  -0.813  7.780   1.00 108.28 ? 1438 ARG A NH2 1 
ATOM   505 N  N   . LYS A 1 79  ? 13.216  -2.163  0.257   1.00 73.32  ? 1439 LYS A N   1 
ATOM   506 C  CA  . LYS A 1 79  ? 13.098  -1.280  -0.896  1.00 66.42  ? 1439 LYS A CA  1 
ATOM   507 C  C   . LYS A 1 79  ? 11.639  -1.185  -1.303  1.00 59.86  ? 1439 LYS A C   1 
ATOM   508 O  O   . LYS A 1 79  ? 11.120  -0.103  -1.588  1.00 53.04  ? 1439 LYS A O   1 
ATOM   509 C  CB  . LYS A 1 79  ? 13.935  -1.804  -2.064  1.00 70.27  ? 1439 LYS A CB  1 
ATOM   510 C  CG  . LYS A 1 79  ? 15.442  -1.708  -1.844  1.00 79.54  ? 1439 LYS A CG  1 
ATOM   511 C  CD  . LYS A 1 79  ? 15.964  -2.734  -0.837  1.00 83.30  ? 1439 LYS A CD  1 
ATOM   512 C  CE  . LYS A 1 79  ? 17.484  -2.680  -0.761  1.00 81.85  ? 1439 LYS A CE  1 
ATOM   513 N  NZ  . LYS A 1 79  ? 18.119  -2.795  -2.119  1.00 78.84  ? 1439 LYS A NZ  1 
ATOM   514 N  N   . CYS A 1 80  ? 10.979  -2.333  -1.317  1.00 55.55  ? 1440 CYS A N   1 
ATOM   515 C  CA  . CYS A 1 80  ? 9.577   -2.385  -1.677  1.00 55.86  ? 1440 CYS A CA  1 
ATOM   516 C  C   . CYS A 1 80  ? 8.709   -1.915  -0.524  1.00 53.18  ? 1440 CYS A C   1 
ATOM   517 O  O   . CYS A 1 80  ? 7.961   -0.951  -0.655  1.00 54.50  ? 1440 CYS A O   1 
ATOM   518 C  CB  . CYS A 1 80  ? 9.183   -3.803  -2.064  1.00 56.33  ? 1440 CYS A CB  1 
ATOM   519 S  SG  . CYS A 1 80  ? 9.886   -4.313  -3.610  1.00 65.26  ? 1440 CYS A SG  1 
ATOM   520 N  N   . LYS A 1 81  ? 8.811   -2.587  0.611   1.00 49.44  ? 1441 LYS A N   1 
ATOM   521 C  CA  . LYS A 1 81  ? 8.004   -2.204  1.752   1.00 46.88  ? 1441 LYS A CA  1 
ATOM   522 C  C   . LYS A 1 81  ? 8.224   -0.748  2.123   1.00 44.45  ? 1441 LYS A C   1 
ATOM   523 O  O   . LYS A 1 81  ? 7.391   -0.137  2.792   1.00 47.26  ? 1441 LYS A O   1 
ATOM   524 C  CB  . LYS A 1 81  ? 8.298   -3.127  2.935   1.00 48.73  ? 1441 LYS A CB  1 
ATOM   525 C  CG  . LYS A 1 81  ? 7.591   -4.462  2.832   1.00 35.57  ? 1441 LYS A CG  1 
ATOM   526 C  CD  . LYS A 1 81  ? 8.098   -5.474  3.834   1.00 34.12  ? 1441 LYS A CD  1 
ATOM   527 C  CE  . LYS A 1 81  ? 7.267   -6.747  3.729   1.00 46.06  ? 1441 LYS A CE  1 
ATOM   528 N  NZ  . LYS A 1 81  ? 7.803   -7.918  4.462   1.00 38.94  ? 1441 LYS A NZ  1 
ATOM   529 N  N   . ASP A 1 82  ? 9.342   -0.186  1.681   1.00 44.55  ? 1442 ASP A N   1 
ATOM   530 C  CA  . ASP A 1 82  ? 9.642   1.215   1.952   1.00 42.81  ? 1442 ASP A CA  1 
ATOM   531 C  C   . ASP A 1 82  ? 8.947   2.092   0.920   1.00 42.66  ? 1442 ASP A C   1 
ATOM   532 O  O   . ASP A 1 82  ? 8.421   3.151   1.253   1.00 42.28  ? 1442 ASP A O   1 
ATOM   533 C  CB  . ASP A 1 82  ? 11.151  1.444   1.927   1.00 52.20  ? 1442 ASP A CB  1 
ATOM   534 C  CG  . ASP A 1 82  ? 11.767  1.407   3.318   1.00 59.27  ? 1442 ASP A CG  1 
ATOM   535 O  OD1 . ASP A 1 82  ? 11.279  0.636   4.173   1.00 63.78  ? 1442 ASP A OD1 1 
ATOM   536 O  OD2 . ASP A 1 82  ? 12.745  2.146   3.557   1.00 63.94  ? 1442 ASP A OD2 1 
ATOM   537 N  N   . GLY A 1 83  ? 8.948   1.643   -0.334  1.00 41.76  ? 1443 GLY A N   1 
ATOM   538 C  CA  . GLY A 1 83  ? 8.283   2.387   -1.394  1.00 39.85  ? 1443 GLY A CA  1 
ATOM   539 C  C   . GLY A 1 83  ? 6.805   2.568   -1.086  1.00 41.09  ? 1443 GLY A C   1 
ATOM   540 O  O   . GLY A 1 83  ? 6.272   3.669   -1.171  1.00 32.86  ? 1443 GLY A O   1 
ATOM   541 N  N   . LEU A 1 84  ? 6.145   1.469   -0.739  1.00 41.21  ? 1444 LEU A N   1 
ATOM   542 C  CA  . LEU A 1 84  ? 4.742   1.487   -0.378  1.00 38.09  ? 1444 LEU A CA  1 
ATOM   543 C  C   . LEU A 1 84  ? 4.557   2.518   0.724   1.00 45.09  ? 1444 LEU A C   1 
ATOM   544 O  O   . LEU A 1 84  ? 3.658   3.358   0.668   1.00 40.46  ? 1444 LEU A O   1 
ATOM   545 C  CB  . LEU A 1 84  ? 4.328   0.117   0.140   1.00 34.40  ? 1444 LEU A CB  1 
ATOM   546 C  CG  . LEU A 1 84  ? 2.990   0.022   0.867   1.00 34.05  ? 1444 LEU A CG  1 
ATOM   547 C  CD1 . LEU A 1 84  ? 1.855   0.256   -0.117  1.00 21.03  ? 1444 LEU A CD1 1 
ATOM   548 C  CD2 . LEU A 1 84  ? 2.864   -1.350  1.527   1.00 29.92  ? 1444 LEU A CD2 1 
ATOM   549 N  N   . TYR A 1 85  ? 5.410   2.449   1.737   1.00 46.56  ? 1445 TYR A N   1 
ATOM   550 C  CA  . TYR A 1 85  ? 5.324   3.394   2.840   1.00 47.49  ? 1445 TYR A CA  1 
ATOM   551 C  C   . TYR A 1 85  ? 5.444   4.818   2.317   1.00 47.08  ? 1445 TYR A C   1 
ATOM   552 O  O   . TYR A 1 85  ? 4.664   5.690   2.682   1.00 48.80  ? 1445 TYR A O   1 
ATOM   553 C  CB  . TYR A 1 85  ? 6.435   3.145   3.858   1.00 46.23  ? 1445 TYR A CB  1 
ATOM   554 C  CG  . TYR A 1 85  ? 6.533   4.265   4.861   1.00 48.59  ? 1445 TYR A CG  1 
ATOM   555 C  CD1 . TYR A 1 85  ? 5.634   4.362   5.918   1.00 48.06  ? 1445 TYR A CD1 1 
ATOM   556 C  CD2 . TYR A 1 85  ? 7.480   5.269   4.713   1.00 55.40  ? 1445 TYR A CD2 1 
ATOM   557 C  CE1 . TYR A 1 85  ? 5.671   5.436   6.804   1.00 48.76  ? 1445 TYR A CE1 1 
ATOM   558 C  CE2 . TYR A 1 85  ? 7.527   6.347   5.589   1.00 55.43  ? 1445 TYR A CE2 1 
ATOM   559 C  CZ  . TYR A 1 85  ? 6.619   6.423   6.631   1.00 54.08  ? 1445 TYR A CZ  1 
ATOM   560 O  OH  . TYR A 1 85  ? 6.653   7.493   7.487   1.00 51.56  ? 1445 TYR A OH  1 
ATOM   561 N  N   . GLN A 1 86  ? 6.435   5.035   1.462   1.00 48.72  ? 1446 GLN A N   1 
ATOM   562 C  CA  . GLN A 1 86  ? 6.686   6.342   0.882   1.00 54.42  ? 1446 GLN A CA  1 
ATOM   563 C  C   . GLN A 1 86  ? 5.449   6.880   0.157   1.00 51.33  ? 1446 GLN A C   1 
ATOM   564 O  O   . GLN A 1 86  ? 5.008   7.995   0.412   1.00 49.39  ? 1446 GLN A O   1 
ATOM   565 C  CB  . GLN A 1 86  ? 7.885   6.245   -0.069  1.00 60.23  ? 1446 GLN A CB  1 
ATOM   566 C  CG  . GLN A 1 86  ? 8.411   7.576   -0.597  1.00 70.11  ? 1446 GLN A CG  1 
ATOM   567 C  CD  . GLN A 1 86  ? 8.736   8.556   0.517   1.00 73.05  ? 1446 GLN A CD  1 
ATOM   568 O  OE1 . GLN A 1 86  ? 9.453   8.224   1.467   1.00 78.00  ? 1446 GLN A OE1 1 
ATOM   569 N  NE2 . GLN A 1 86  ? 8.213   9.773   0.402   1.00 63.17  ? 1446 GLN A NE2 1 
ATOM   570 N  N   . ALA A 1 87  ? 4.885   6.083   -0.739  1.00 46.90  ? 1447 ALA A N   1 
ATOM   571 C  CA  . ALA A 1 87  ? 3.702   6.509   -1.465  1.00 43.45  ? 1447 ALA A CA  1 
ATOM   572 C  C   . ALA A 1 87  ? 2.574   6.849   -0.492  1.00 40.50  ? 1447 ALA A C   1 
ATOM   573 O  O   . ALA A 1 87  ? 1.878   7.837   -0.678  1.00 40.40  ? 1447 ALA A O   1 
ATOM   574 C  CB  . ALA A 1 87  ? 3.258   5.420   -2.445  1.00 38.23  ? 1447 ALA A CB  1 
ATOM   575 N  N   . LEU A 1 88  ? 2.394   6.040   0.547   1.00 30.34  ? 1448 LEU A N   1 
ATOM   576 C  CA  . LEU A 1 88  ? 1.342   6.293   1.527   1.00 31.20  ? 1448 LEU A CA  1 
ATOM   577 C  C   . LEU A 1 88  ? 1.464   7.657   2.170   1.00 35.04  ? 1448 LEU A C   1 
ATOM   578 O  O   . LEU A 1 88  ? 0.490   8.397   2.290   1.00 35.39  ? 1448 LEU A O   1 
ATOM   579 C  CB  . LEU A 1 88  ? 1.392   5.247   2.626   1.00 32.52  ? 1448 LEU A CB  1 
ATOM   580 C  CG  . LEU A 1 88  ? 0.964   3.890   2.123   1.00 33.51  ? 1448 LEU A CG  1 
ATOM   581 C  CD1 . LEU A 1 88  ? 1.224   2.841   3.165   1.00 36.26  ? 1448 LEU A CD1 1 
ATOM   582 C  CD2 . LEU A 1 88  ? -0.498  3.958   1.772   1.00 36.79  ? 1448 LEU A CD2 1 
ATOM   583 N  N   . LYS A 1 89  ? 2.683   7.957   2.603   1.00 46.06  ? 1449 LYS A N   1 
ATOM   584 C  CA  . LYS A 1 89  ? 3.027   9.202   3.270   1.00 42.61  ? 1449 LYS A CA  1 
ATOM   585 C  C   . LYS A 1 89  ? 2.713   10.409  2.392   1.00 39.40  ? 1449 LYS A C   1 
ATOM   586 O  O   . LYS A 1 89  ? 2.323   11.458  2.887   1.00 34.04  ? 1449 LYS A O   1 
ATOM   587 C  CB  . LYS A 1 89  ? 4.518   9.169   3.640   1.00 38.40  ? 1449 LYS A CB  1 
ATOM   588 C  CG  . LYS A 1 89  ? 4.966   10.265  4.581   1.00 43.65  ? 1449 LYS A CG  1 
ATOM   589 C  CD  . LYS A 1 89  ? 6.359   10.026  5.164   1.00 47.73  ? 1449 LYS A CD  1 
ATOM   590 C  CE  . LYS A 1 89  ? 7.447   10.021  4.106   1.00 61.07  ? 1449 LYS A CE  1 
ATOM   591 N  NZ  . LYS A 1 89  ? 8.827   9.962   4.689   1.00 68.39  ? 1449 LYS A NZ  1 
ATOM   592 N  N   . GLU A 1 90  ? 2.871   10.247  1.085   1.00 38.57  ? 1450 GLU A N   1 
ATOM   593 C  CA  . GLU A 1 90  ? 2.609   11.320  0.138   1.00 43.79  ? 1450 GLU A CA  1 
ATOM   594 C  C   . GLU A 1 90  ? 1.129   11.422  -0.129  1.00 46.65  ? 1450 GLU A C   1 
ATOM   595 O  O   . GLU A 1 90  ? 0.562   12.510  -0.163  1.00 49.80  ? 1450 GLU A O   1 
ATOM   596 C  CB  . GLU A 1 90  ? 3.314   11.033  -1.165  1.00 45.61  ? 1450 GLU A CB  1 
ATOM   597 C  CG  . GLU A 1 90  ? 4.697   10.542  -0.944  1.00 58.30  ? 1450 GLU A CG  1 
ATOM   598 C  CD  . GLU A 1 90  ? 5.430   10.382  -2.225  1.00 61.64  ? 1450 GLU A CD  1 
ATOM   599 O  OE1 . GLU A 1 90  ? 4.805   9.907   -3.196  1.00 61.63  ? 1450 GLU A OE1 1 
ATOM   600 O  OE2 . GLU A 1 90  ? 6.628   10.724  -2.260  1.00 68.81  ? 1450 GLU A OE2 1 
ATOM   601 N  N   . THR A 1 91  ? 0.506   10.272  -0.346  1.00 51.96  ? 1451 THR A N   1 
ATOM   602 C  CA  . THR A 1 91  ? -0.924  10.222  -0.603  1.00 52.84  ? 1451 THR A CA  1 
ATOM   603 C  C   . THR A 1 91  ? -1.675  10.896  0.529   1.00 44.77  ? 1451 THR A C   1 
ATOM   604 O  O   . THR A 1 91  ? -2.200  11.986  0.357   1.00 46.55  ? 1451 THR A O   1 
ATOM   605 C  CB  . THR A 1 91  ? -1.418  8.793   -0.695  1.00 55.87  ? 1451 THR A CB  1 
ATOM   606 O  OG1 . THR A 1 91  ? -0.740  8.115   -1.762  1.00 57.93  ? 1451 THR A OG1 1 
ATOM   607 C  CG2 . THR A 1 91  ? -2.907  8.788   -0.941  1.00 56.16  ? 1451 THR A CG2 1 
ATOM   608 N  N   . HIS A 1 92  ? -1.750  10.231  1.677   1.00 41.35  ? 1452 HIS A N   1 
ATOM   609 C  CA  . HIS A 1 92  ? -2.413  10.820  2.830   1.00 52.57  ? 1452 HIS A CA  1 
ATOM   610 C  C   . HIS A 1 92  ? -1.583  10.690  4.096   1.00 50.99  ? 1452 HIS A C   1 
ATOM   611 O  O   . HIS A 1 92  ? -1.558  9.636   4.735   1.00 45.17  ? 1452 HIS A O   1 
ATOM   612 C  CB  . HIS A 1 92  ? -3.825  10.237  3.045   1.00 65.81  ? 1452 HIS A CB  1 
ATOM   613 C  CG  . HIS A 1 92  ? -3.942  8.761   2.805   1.00 75.38  ? 1452 HIS A CG  1 
ATOM   614 N  ND1 . HIS A 1 92  ? -3.194  7.831   3.489   1.00 73.87  ? 1452 HIS A ND1 1 
ATOM   615 C  CD2 . HIS A 1 92  ? -4.761  8.056   1.986   1.00 73.70  ? 1452 HIS A CD2 1 
ATOM   616 C  CE1 . HIS A 1 92  ? -3.543  6.617   3.100   1.00 75.17  ? 1452 HIS A CE1 1 
ATOM   617 N  NE2 . HIS A 1 92  ? -4.492  6.726   2.188   1.00 62.90  ? 1452 HIS A NE2 1 
ATOM   618 N  N   . PRO A 1 93  ? -0.900  11.782  4.480   1.00 49.12  ? 1453 PRO A N   1 
ATOM   619 C  CA  . PRO A 1 93  ? -0.043  11.871  5.660   1.00 46.83  ? 1453 PRO A CA  1 
ATOM   620 C  C   . PRO A 1 93  ? -0.760  11.748  7.003   1.00 47.42  ? 1453 PRO A C   1 
ATOM   621 O  O   . PRO A 1 93  ? -0.248  11.120  7.925   1.00 45.32  ? 1453 PRO A O   1 
ATOM   622 C  CB  . PRO A 1 93  ? 0.610   13.232  5.487   1.00 42.13  ? 1453 PRO A CB  1 
ATOM   623 C  CG  . PRO A 1 93  ? -0.489  14.019  4.882   1.00 41.01  ? 1453 PRO A CG  1 
ATOM   624 C  CD  . PRO A 1 93  ? -0.951  13.088  3.804   1.00 45.33  ? 1453 PRO A CD  1 
ATOM   625 N  N   . HIS A 1 94  ? -1.937  12.353  7.118   1.00 49.07  ? 1454 HIS A N   1 
ATOM   626 C  CA  . HIS A 1 94  ? -2.692  12.312  8.366   1.00 48.76  ? 1454 HIS A CA  1 
ATOM   627 C  C   . HIS A 1 94  ? -2.926  10.904  8.917   1.00 45.82  ? 1454 HIS A C   1 
ATOM   628 O  O   . HIS A 1 94  ? -3.073  10.726  10.125  1.00 42.43  ? 1454 HIS A O   1 
ATOM   629 C  CB  . HIS A 1 94  ? -4.045  13.014  8.199   1.00 59.70  ? 1454 HIS A CB  1 
ATOM   630 C  CG  . HIS A 1 94  ? -3.941  14.466  7.847   1.00 71.75  ? 1454 HIS A CG  1 
ATOM   631 N  ND1 . HIS A 1 94  ? -2.948  15.287  8.339   1.00 68.45  ? 1454 HIS A ND1 1 
ATOM   632 C  CD2 . HIS A 1 94  ? -4.740  15.257  7.092   1.00 76.87  ? 1454 HIS A CD2 1 
ATOM   633 C  CE1 . HIS A 1 94  ? -3.141  16.519  7.902   1.00 68.91  ? 1454 HIS A CE1 1 
ATOM   634 N  NE2 . HIS A 1 94  ? -4.223  16.528  7.144   1.00 75.57  ? 1454 HIS A NE2 1 
ATOM   635 N  N   . LEU A 1 95  ? -2.975  9.910   8.040   1.00 41.59  ? 1455 LEU A N   1 
ATOM   636 C  CA  . LEU A 1 95  ? -3.186  8.542   8.480   1.00 36.41  ? 1455 LEU A CA  1 
ATOM   637 C  C   . LEU A 1 95  ? -1.923  7.981   9.121   1.00 46.10  ? 1455 LEU A C   1 
ATOM   638 O  O   . LEU A 1 95  ? -1.907  7.683   10.313  1.00 44.39  ? 1455 LEU A O   1 
ATOM   639 C  CB  . LEU A 1 95  ? -3.599  7.645   7.310   1.00 30.56  ? 1455 LEU A CB  1 
ATOM   640 C  CG  . LEU A 1 95  ? -3.881  6.172   7.663   1.00 31.59  ? 1455 LEU A CG  1 
ATOM   641 C  CD1 . LEU A 1 95  ? -5.089  6.091   8.566   1.00 22.72  ? 1455 LEU A CD1 1 
ATOM   642 C  CD2 . LEU A 1 95  ? -4.104  5.354   6.408   1.00 13.23  ? 1455 LEU A CD2 1 
ATOM   643 N  N   . ILE A 1 96  ? -0.855  7.836   8.346   1.00 50.02  ? 1456 ILE A N   1 
ATOM   644 C  CA  . ILE A 1 96  ? 0.368   7.290   8.910   1.00 53.43  ? 1456 ILE A CA  1 
ATOM   645 C  C   . ILE A 1 96  ? 0.871   8.128   10.084  1.00 51.43  ? 1456 ILE A C   1 
ATOM   646 O  O   . ILE A 1 96  ? 1.692   7.671   10.868  1.00 55.95  ? 1456 ILE A O   1 
ATOM   647 C  CB  . ILE A 1 96  ? 1.488   7.204   7.875   1.00 58.57  ? 1456 ILE A CB  1 
ATOM   648 C  CG1 . ILE A 1 96  ? 2.270   8.514   7.858   1.00 59.96  ? 1456 ILE A CG1 1 
ATOM   649 C  CG2 . ILE A 1 96  ? 0.913   6.899   6.507   1.00 49.07  ? 1456 ILE A CG2 1 
ATOM   650 C  CD1 . ILE A 1 96  ? 3.761   8.290   7.855   1.00 55.85  ? 1456 ILE A CD1 1 
HETATM 651 N  N   . MSE A 1 97  ? 0.394   9.359   10.191  1.00 50.79  ? 1457 MSE A N   1 
HETATM 652 C  CA  . MSE A 1 97  ? 0.797   10.227  11.283  1.00 56.06  ? 1457 MSE A CA  1 
HETATM 653 C  C   . MSE A 1 97  ? -0.010  9.824   12.503  1.00 55.89  ? 1457 MSE A C   1 
HETATM 654 O  O   . MSE A 1 97  ? 0.484   9.865   13.624  1.00 62.35  ? 1457 MSE A O   1 
HETATM 655 C  CB  . MSE A 1 97  ? 0.516   11.684  10.930  1.00 70.65  ? 1457 MSE A CB  1 
HETATM 656 C  CG  . MSE A 1 97  ? 1.102   12.709  11.892  1.00 75.19  ? 1457 MSE A CG  1 
HETATM 657 SE SE  . MSE A 1 97  ? 2.292   13.998  10.988  1.00 96.46  ? 1457 MSE A SE  1 
HETATM 658 C  CE  . MSE A 1 97  ? 0.981   14.940  9.838   1.00 71.90  ? 1457 MSE A CE  1 
ATOM   659 N  N   . GLU A 1 98  ? -1.257  9.427   12.277  1.00 52.79  ? 1458 GLU A N   1 
ATOM   660 C  CA  . GLU A 1 98  ? -2.145  8.996   13.352  1.00 47.85  ? 1458 GLU A CA  1 
ATOM   661 C  C   . GLU A 1 98  ? -1.788  7.579   13.746  1.00 37.90  ? 1458 GLU A C   1 
ATOM   662 O  O   . GLU A 1 98  ? -2.068  7.151   14.857  1.00 32.60  ? 1458 GLU A O   1 
ATOM   663 C  CB  . GLU A 1 98  ? -3.598  9.020   12.878  1.00 55.10  ? 1458 GLU A CB  1 
ATOM   664 C  CG  . GLU A 1 98  ? -4.581  8.387   13.859  1.00 66.29  ? 1458 GLU A CG  1 
ATOM   665 C  CD  . GLU A 1 98  ? -5.858  7.858   13.193  1.00 72.34  ? 1458 GLU A CD  1 
ATOM   666 O  OE1 . GLU A 1 98  ? -5.947  6.632   12.937  1.00 59.45  ? 1458 GLU A OE1 1 
ATOM   667 O  OE2 . GLU A 1 98  ? -6.769  8.670   12.916  1.00 80.86  ? 1458 GLU A OE2 1 
ATOM   668 N  N   . LEU A 1 99  ? -1.166  6.864   12.815  1.00 37.97  ? 1459 LEU A N   1 
ATOM   669 C  CA  . LEU A 1 99  ? -0.771  5.469   13.009  1.00 43.36  ? 1459 LEU A CA  1 
ATOM   670 C  C   . LEU A 1 99  ? 0.459   5.335   13.884  1.00 41.75  ? 1459 LEU A C   1 
ATOM   671 O  O   . LEU A 1 99  ? 0.655   4.320   14.540  1.00 34.50  ? 1459 LEU A O   1 
ATOM   672 C  CB  . LEU A 1 99  ? -0.499  4.831   11.648  1.00 46.01  ? 1459 LEU A CB  1 
ATOM   673 C  CG  . LEU A 1 99  ? -1.306  3.604   11.223  1.00 40.60  ? 1459 LEU A CG  1 
ATOM   674 C  CD1 . LEU A 1 99  ? -2.804  3.899   11.215  1.00 36.28  ? 1459 LEU A CD1 1 
ATOM   675 C  CD2 . LEU A 1 99  ? -0.835  3.187   9.842   1.00 42.67  ? 1459 LEU A CD2 1 
ATOM   676 N  N   . TRP A 1 100 ? 1.291   6.364   13.865  1.00 47.42  ? 1460 TRP A N   1 
ATOM   677 C  CA  . TRP A 1 100 ? 2.486   6.381   14.666  1.00 50.19  ? 1460 TRP A CA  1 
ATOM   678 C  C   . TRP A 1 100 ? 2.122   6.731   16.104  1.00 55.03  ? 1460 TRP A C   1 
ATOM   679 O  O   . TRP A 1 100 ? 2.685   6.175   17.039  1.00 56.29  ? 1460 TRP A O   1 
ATOM   680 C  CB  . TRP A 1 100 ? 3.477   7.376   14.088  1.00 40.52  ? 1460 TRP A CB  1 
ATOM   681 C  CG  . TRP A 1 100 ? 4.683   6.677   13.633  1.00 49.37  ? 1460 TRP A CG  1 
ATOM   682 C  CD1 . TRP A 1 100 ? 5.461   5.837   14.374  1.00 57.38  ? 1460 TRP A CD1 1 
ATOM   683 C  CD2 . TRP A 1 100 ? 5.253   6.703   12.324  1.00 47.80  ? 1460 TRP A CD2 1 
ATOM   684 N  NE1 . TRP A 1 100 ? 6.484   5.333   13.607  1.00 47.09  ? 1460 TRP A NE1 1 
ATOM   685 C  CE2 . TRP A 1 100 ? 6.382   5.849   12.346  1.00 45.88  ? 1460 TRP A CE2 1 
ATOM   686 C  CE3 . TRP A 1 100 ? 4.923   7.364   11.138  1.00 47.82  ? 1460 TRP A CE3 1 
ATOM   687 C  CZ2 . TRP A 1 100 ? 7.179   5.635   11.233  1.00 41.31  ? 1460 TRP A CZ2 1 
ATOM   688 C  CZ3 . TRP A 1 100 ? 5.717   7.154   10.025  1.00 47.03  ? 1460 TRP A CZ3 1 
ATOM   689 C  CH2 . TRP A 1 100 ? 6.836   6.294   10.082  1.00 61.78  ? 1460 TRP A CH2 1 
ATOM   690 N  N   . GLU A 1 101 ? 1.172   7.645   16.276  1.00 56.52  ? 1461 GLU A N   1 
ATOM   691 C  CA  . GLU A 1 101 ? 0.721   8.023   17.608  1.00 55.87  ? 1461 GLU A CA  1 
ATOM   692 C  C   . GLU A 1 101 ? 0.069   6.814   18.271  1.00 59.28  ? 1461 GLU A C   1 
ATOM   693 O  O   . GLU A 1 101 ? -0.036  6.752   19.488  1.00 74.61  ? 1461 GLU A O   1 
ATOM   694 C  CB  . GLU A 1 101 ? -0.309  9.153   17.553  1.00 56.73  ? 1461 GLU A CB  1 
ATOM   695 C  CG  . GLU A 1 101 ? 0.248   10.547  17.336  1.00 61.41  ? 1461 GLU A CG  1 
ATOM   696 C  CD  . GLU A 1 101 ? -0.377  11.230  16.135  1.00 58.96  ? 1461 GLU A CD  1 
ATOM   697 O  OE1 . GLU A 1 101 ? -1.613  11.193  15.990  1.00 55.20  ? 1461 GLU A OE1 1 
ATOM   698 O  OE2 . GLU A 1 101 ? 0.367   11.809  15.334  1.00 64.61  ? 1461 GLU A OE2 1 
ATOM   699 N  N   . LYS A 1 102 ? -0.388  5.862   17.468  1.00 57.57  ? 1462 LYS A N   1 
ATOM   700 C  CA  . LYS A 1 102 ? -1.023  4.652   17.987  1.00 57.18  ? 1462 LYS A CA  1 
ATOM   701 C  C   . LYS A 1 102 ? 0.089   3.689   18.433  1.00 62.23  ? 1462 LYS A C   1 
ATOM   702 O  O   . LYS A 1 102 ? 0.138   2.544   17.940  1.00 62.72  ? 1462 LYS A O   1 
ATOM   703 C  CB  . LYS A 1 102 ? -1.889  4.032   16.876  1.00 62.72  ? 1462 LYS A CB  1 
ATOM   704 C  CG  . LYS A 1 102 ? -2.763  2.818   17.243  1.00 71.08  ? 1462 LYS A CG  1 
ATOM   705 C  CD  . LYS A 1 102 ? -3.658  2.439   16.049  1.00 65.22  ? 1462 LYS A CD  1 
ATOM   706 C  CE  . LYS A 1 102 ? -4.585  1.276   16.347  1.00 63.37  ? 1462 LYS A CE  1 
ATOM   707 N  NZ  . LYS A 1 102 ? -3.825  0.021   16.525  1.00 64.56  ? 1462 LYS A NZ  1 
# 
